data_4BJ5
#
_entry.id   4BJ5
#
_cell.length_a   108.440
_cell.length_b   113.860
_cell.length_c   140.950
_cell.angle_alpha   90.00
_cell.angle_beta   90.00
_cell.angle_gamma   90.00
#
_symmetry.space_group_name_H-M   'P 21 21 21'
#
loop_
_entity.id
_entity.type
_entity.pdbx_description
1 polymer 'PROTEIN RIF2'
2 polymer 'DNA-BINDING PROTEIN RAP1'
3 polymer 'DNA-BINDING PROTEIN RAP1'
4 non-polymer 'SULFATE ION'
#
loop_
_entity_poly.entity_id
_entity_poly.type
_entity_poly.pdbx_seq_one_letter_code
_entity_poly.pdbx_strand_id
1 'polypeptide(L)'
;GGGRMEHVDSDFAPIRRSKKVVDSDKIVKAISDDLEQKNFTVLRKLNLVPIKKSVSSPKVCKPSPVKERVDHVFYQKFKS
MALQELGTNYLSISYVPSLSKFLSKNLRSMKNCIVFFDKVEHIHQYAGIDRAVSETLSLVDINVVIIEMNDYLMKEGIQS
SKSKECIESMGQASYSGQLDFEASEKPSNHTSDLMMMVMRKINNDESIDHIVYFKFEQLDKLSTSTIIEPSKLTEFINVL
SVLEKSNNIAFKVLIYSNNVSISSLLSTSLKKKLNTKYTVFEMPILTCAQEQEYLKKMIKFTFDSGSKLLQSYNSLVTCQ
LNNKESNLAIFFEFLKVFPHPFTYLFNAYTEIIVQSRTFDELLDKIRNRLTIKNYPHSAYNFKKNQRLPLKLTRKVHDR
;
A,B
2 'polypeptide(L)'
;GASNSYAIPENELLDEDTMNFISSLKNDLSNISNSLPFEYPHEIAEAIRSDFSNEDIYDNIDPDTISFPPKIATTDLFLP
LFFHFGSTRQFMDKLHEVISGDYEPSQAEKLVQDLCDETGIRKNFSTSILTCLSGDLMVFPRYFLNMFKDNVNPPPNVPG
IWTHDDDESLKSNDQEQIRKLVKKHGTGRMEMRKRFFEKDLL
;
C,E
3 'polypeptide(L)' FTVLRKLNLVPIK D,F
#
# COMPACT_ATOMS: atom_id res chain seq x y z
N PRO A 65 -36.44 -29.05 -23.58
CA PRO A 65 -35.82 -28.04 -22.70
C PRO A 65 -34.32 -27.88 -22.95
N VAL A 66 -33.61 -27.16 -22.05
CA VAL A 66 -32.17 -26.90 -22.17
C VAL A 66 -31.46 -27.12 -20.81
N LYS A 67 -30.15 -27.47 -20.87
CA LYS A 67 -29.24 -27.74 -19.74
C LYS A 67 -29.23 -26.58 -18.76
N GLU A 68 -29.24 -26.88 -17.45
CA GLU A 68 -29.25 -25.84 -16.41
C GLU A 68 -28.07 -24.86 -16.57
N ARG A 69 -26.88 -25.40 -16.94
CA ARG A 69 -25.63 -24.65 -17.11
C ARG A 69 -25.72 -23.55 -18.22
N VAL A 70 -26.72 -23.62 -19.13
CA VAL A 70 -26.82 -22.64 -20.20
C VAL A 70 -28.26 -22.05 -20.31
N ASP A 71 -29.03 -22.14 -19.22
CA ASP A 71 -30.36 -21.55 -19.11
C ASP A 71 -30.25 -20.16 -18.49
N HIS A 72 -31.04 -19.19 -19.02
CA HIS A 72 -31.08 -17.79 -18.58
C HIS A 72 -31.90 -17.61 -17.31
N VAL A 73 -33.04 -18.32 -17.22
CA VAL A 73 -33.95 -18.32 -16.08
C VAL A 73 -33.24 -18.92 -14.86
N PHE A 74 -32.49 -20.05 -15.02
CA PHE A 74 -31.73 -20.68 -13.94
C PHE A 74 -30.69 -19.75 -13.42
N TYR A 75 -30.01 -19.06 -14.36
CA TYR A 75 -28.89 -18.23 -14.02
C TYR A 75 -29.33 -16.99 -13.23
N GLN A 76 -30.49 -16.37 -13.55
CA GLN A 76 -31.03 -15.24 -12.77
C GLN A 76 -31.10 -15.55 -11.25
N LYS A 77 -31.52 -16.80 -10.91
CA LYS A 77 -31.61 -17.29 -9.55
C LYS A 77 -30.20 -17.39 -8.95
N PHE A 78 -29.23 -17.98 -9.70
CA PHE A 78 -27.82 -18.12 -9.27
C PHE A 78 -27.19 -16.75 -9.07
N LYS A 79 -27.32 -15.86 -10.06
CA LYS A 79 -26.81 -14.49 -10.12
C LYS A 79 -27.16 -13.74 -8.86
N SER A 80 -28.46 -13.72 -8.50
CA SER A 80 -28.97 -13.05 -7.31
C SER A 80 -28.43 -13.68 -6.02
N MET A 81 -28.31 -15.02 -5.98
CA MET A 81 -27.81 -15.75 -4.81
C MET A 81 -26.31 -15.53 -4.59
N ALA A 82 -25.55 -15.50 -5.71
CA ALA A 82 -24.10 -15.27 -5.72
C ALA A 82 -23.82 -13.87 -5.27
N LEU A 83 -24.62 -12.89 -5.78
CA LEU A 83 -24.47 -11.49 -5.41
C LEU A 83 -24.73 -11.30 -3.92
N GLN A 84 -25.75 -11.97 -3.35
CA GLN A 84 -26.05 -11.91 -1.92
C GLN A 84 -24.92 -12.53 -1.10
N GLU A 85 -24.41 -13.72 -1.50
CA GLU A 85 -23.36 -14.37 -0.73
C GLU A 85 -22.03 -13.61 -0.80
N LEU A 86 -21.68 -13.07 -1.98
CA LEU A 86 -20.45 -12.29 -2.16
C LEU A 86 -20.51 -11.09 -1.22
N GLY A 87 -21.69 -10.45 -1.16
CA GLY A 87 -21.96 -9.34 -0.26
C GLY A 87 -21.69 -9.72 1.18
N THR A 88 -22.34 -10.80 1.64
CA THR A 88 -22.26 -11.38 2.97
C THR A 88 -20.81 -11.71 3.34
N ASN A 89 -20.09 -12.43 2.43
CA ASN A 89 -18.70 -12.85 2.59
C ASN A 89 -17.79 -11.66 2.82
N TYR A 90 -17.91 -10.62 1.98
CA TYR A 90 -17.13 -9.39 2.06
C TYR A 90 -17.27 -8.77 3.45
N LEU A 91 -18.53 -8.59 3.91
CA LEU A 91 -18.86 -7.95 5.18
C LEU A 91 -18.56 -8.85 6.40
N SER A 92 -18.35 -10.16 6.21
CA SER A 92 -17.99 -11.04 7.33
C SER A 92 -16.47 -10.91 7.59
N ILE A 93 -16.07 -10.55 8.81
CA ILE A 93 -14.62 -10.41 9.02
C ILE A 93 -14.29 -11.73 9.65
N SER A 94 -14.14 -12.78 8.81
CA SER A 94 -14.00 -14.19 9.17
C SER A 94 -12.78 -14.48 10.04
N TYR A 95 -11.70 -13.71 9.83
CA TYR A 95 -10.46 -13.80 10.59
C TYR A 95 -10.61 -13.19 11.99
N VAL A 96 -11.76 -12.51 12.26
CA VAL A 96 -12.18 -11.96 13.56
C VAL A 96 -13.55 -12.62 13.98
N PRO A 97 -13.56 -13.96 14.30
CA PRO A 97 -14.84 -14.60 14.67
C PRO A 97 -15.40 -14.11 16.02
N SER A 98 -14.52 -13.65 16.91
CA SER A 98 -14.83 -13.13 18.24
C SER A 98 -15.68 -11.87 18.20
N LEU A 99 -15.71 -11.13 17.08
CA LEU A 99 -16.38 -9.83 16.97
C LEU A 99 -17.90 -9.87 17.24
N SER A 100 -18.64 -10.80 16.61
CA SER A 100 -20.10 -10.86 16.77
C SER A 100 -20.48 -11.08 18.22
N LYS A 101 -19.73 -11.94 18.94
CA LYS A 101 -19.92 -12.17 20.37
C LYS A 101 -19.55 -10.93 21.16
N PHE A 102 -18.44 -10.23 20.79
CA PHE A 102 -17.98 -9.01 21.45
C PHE A 102 -19.02 -7.93 21.40
N LEU A 103 -19.73 -7.80 20.27
CA LEU A 103 -20.73 -6.77 20.09
C LEU A 103 -21.98 -7.05 20.91
N SER A 104 -22.60 -8.24 20.79
CA SER A 104 -23.79 -8.60 21.59
C SER A 104 -23.55 -8.42 23.12
N LYS A 105 -22.31 -8.70 23.59
CA LYS A 105 -21.86 -8.58 24.99
C LYS A 105 -21.86 -7.14 25.46
N ASN A 106 -21.33 -6.21 24.65
CA ASN A 106 -21.18 -4.81 25.01
C ASN A 106 -22.37 -3.92 24.59
N LEU A 107 -23.06 -4.22 23.47
CA LEU A 107 -24.14 -3.38 22.95
C LEU A 107 -25.52 -3.76 23.47
N ARG A 108 -25.79 -5.04 23.71
CA ARG A 108 -27.10 -5.51 24.18
C ARG A 108 -27.12 -5.63 25.72
N SER A 109 -26.69 -4.58 26.40
CA SER A 109 -26.67 -4.47 27.85
C SER A 109 -26.98 -3.05 28.24
N MET A 110 -27.23 -2.79 29.53
CA MET A 110 -27.54 -1.45 30.02
C MET A 110 -26.29 -0.80 30.64
N LYS A 111 -25.10 -1.37 30.37
CA LYS A 111 -23.81 -0.88 30.85
C LYS A 111 -23.21 0.07 29.84
N ASN A 112 -22.73 1.24 30.31
CA ASN A 112 -22.10 2.22 29.43
C ASN A 112 -20.71 1.72 29.05
N CYS A 113 -20.36 1.83 27.76
CA CYS A 113 -19.02 1.45 27.32
C CYS A 113 -18.53 2.31 26.18
N ILE A 114 -17.23 2.51 26.15
CA ILE A 114 -16.50 3.21 25.11
C ILE A 114 -15.65 2.15 24.43
N VAL A 115 -15.82 1.98 23.11
CA VAL A 115 -15.08 0.97 22.35
C VAL A 115 -14.28 1.68 21.26
N PHE A 116 -12.98 1.35 21.20
CA PHE A 116 -12.06 1.84 20.17
C PHE A 116 -11.78 0.72 19.20
N PHE A 117 -11.96 0.97 17.91
CA PHE A 117 -11.68 -0.01 16.88
C PHE A 117 -10.39 0.43 16.21
N ASP A 118 -9.26 -0.10 16.72
CA ASP A 118 -7.94 0.27 16.21
C ASP A 118 -7.52 -0.64 15.08
N LYS A 119 -6.62 -0.10 14.23
CA LYS A 119 -6.02 -0.75 13.09
C LYS A 119 -7.09 -1.11 12.05
N VAL A 120 -8.17 -0.25 11.92
CA VAL A 120 -9.22 -0.40 10.91
C VAL A 120 -8.63 0.22 9.62
N GLU A 121 -7.84 -0.62 8.92
CA GLU A 121 -7.05 -0.28 7.73
C GLU A 121 -7.74 -0.58 6.41
N HIS A 122 -8.81 -1.39 6.43
CA HIS A 122 -9.51 -1.75 5.22
C HIS A 122 -10.98 -1.34 5.22
N ILE A 123 -11.48 -1.05 4.00
CA ILE A 123 -12.86 -0.70 3.69
C ILE A 123 -13.75 -1.80 4.22
N HIS A 124 -13.39 -3.05 3.93
CA HIS A 124 -14.16 -4.25 4.30
C HIS A 124 -14.26 -4.39 5.81
N GLN A 125 -13.24 -3.95 6.59
CA GLN A 125 -13.26 -4.01 8.04
C GLN A 125 -14.27 -3.02 8.55
N TYR A 126 -14.21 -1.74 8.13
CA TYR A 126 -15.17 -0.72 8.54
C TYR A 126 -16.63 -1.11 8.21
N ALA A 127 -16.89 -1.43 6.94
CA ALA A 127 -18.20 -1.85 6.44
C ALA A 127 -18.73 -3.05 7.24
N GLY A 128 -17.82 -3.99 7.53
CA GLY A 128 -18.11 -5.20 8.26
C GLY A 128 -18.50 -4.96 9.70
N ILE A 129 -17.74 -4.09 10.38
CA ILE A 129 -17.96 -3.75 11.79
C ILE A 129 -19.27 -2.99 11.88
N ASP A 130 -19.48 -2.03 10.95
CA ASP A 130 -20.68 -1.22 10.95
C ASP A 130 -21.96 -2.06 10.80
N ARG A 131 -22.02 -2.98 9.81
CA ARG A 131 -23.16 -3.87 9.60
C ARG A 131 -23.41 -4.70 10.85
N ALA A 132 -22.34 -5.23 11.47
CA ALA A 132 -22.42 -6.04 12.67
C ALA A 132 -23.01 -5.27 13.84
N VAL A 133 -22.67 -3.96 13.94
CA VAL A 133 -23.15 -3.07 14.97
C VAL A 133 -24.64 -2.79 14.70
N SER A 134 -24.95 -2.45 13.43
CA SER A 134 -26.30 -2.18 12.94
C SER A 134 -27.24 -3.35 13.18
N GLU A 135 -26.76 -4.58 12.99
CA GLU A 135 -27.56 -5.78 13.23
C GLU A 135 -27.76 -6.06 14.74
N THR A 136 -26.71 -5.85 15.57
CA THR A 136 -26.78 -6.10 17.01
C THR A 136 -27.82 -5.20 17.66
N LEU A 137 -27.85 -3.91 17.25
CA LEU A 137 -28.77 -2.92 17.79
C LEU A 137 -30.20 -3.15 17.29
N SER A 138 -30.34 -3.89 16.17
CA SER A 138 -31.65 -4.21 15.65
C SER A 138 -32.34 -5.24 16.57
N LEU A 139 -31.55 -6.08 17.25
CA LEU A 139 -32.06 -7.09 18.19
C LEU A 139 -32.55 -6.47 19.50
N VAL A 140 -32.01 -5.29 19.89
CA VAL A 140 -32.34 -4.56 21.12
C VAL A 140 -33.80 -4.10 21.06
N ASP A 141 -34.61 -4.56 22.05
CA ASP A 141 -36.05 -4.30 22.15
C ASP A 141 -36.36 -2.91 22.81
N ILE A 142 -35.39 -2.33 23.53
CA ILE A 142 -35.60 -1.05 24.18
C ILE A 142 -35.18 0.09 23.24
N ASN A 143 -35.58 1.34 23.58
CA ASN A 143 -35.29 2.48 22.72
C ASN A 143 -33.77 2.67 22.49
N VAL A 144 -33.39 2.74 21.21
CA VAL A 144 -32.02 2.98 20.73
C VAL A 144 -32.05 4.30 19.96
N VAL A 145 -31.19 5.22 20.37
CA VAL A 145 -30.98 6.54 19.78
C VAL A 145 -29.61 6.50 19.10
N ILE A 146 -29.50 7.02 17.87
CA ILE A 146 -28.20 7.02 17.16
C ILE A 146 -27.74 8.47 16.97
N ILE A 147 -26.54 8.79 17.43
CA ILE A 147 -25.97 10.12 17.29
C ILE A 147 -24.65 9.95 16.56
N GLU A 148 -24.53 10.61 15.40
CA GLU A 148 -23.31 10.63 14.58
C GLU A 148 -22.55 11.86 14.98
N MET A 149 -21.42 11.66 15.65
CA MET A 149 -20.62 12.71 16.26
C MET A 149 -19.61 13.38 15.31
N ASN A 150 -19.52 12.88 14.07
CA ASN A 150 -18.58 13.35 13.07
C ASN A 150 -18.80 14.80 12.68
N ASP A 151 -19.97 15.19 12.16
CA ASP A 151 -20.11 16.59 11.75
C ASP A 151 -20.31 17.58 12.94
N TYR A 152 -20.16 17.10 14.19
CA TYR A 152 -20.28 17.92 15.41
C TYR A 152 -18.91 18.35 15.97
N LEU A 153 -17.98 17.39 16.17
CA LEU A 153 -16.67 17.61 16.76
C LEU A 153 -15.66 18.26 15.79
N MET A 154 -15.74 17.98 14.47
CA MET A 154 -14.81 18.57 13.47
C MET A 154 -15.07 20.05 13.23
N LYS A 155 -14.01 20.82 12.85
CA LYS A 155 -14.08 22.25 12.54
C LYS A 155 -14.52 22.46 11.09
N SER A 192 -26.05 23.95 26.01
CA SER A 192 -26.16 22.49 26.02
C SER A 192 -26.96 22.00 24.79
N ASP A 193 -26.51 22.41 23.58
CA ASP A 193 -27.22 22.04 22.34
C ASP A 193 -27.16 20.53 22.07
N LEU A 194 -26.03 19.86 22.42
CA LEU A 194 -25.85 18.41 22.27
C LEU A 194 -26.78 17.68 23.23
N MET A 195 -26.71 18.05 24.51
CA MET A 195 -27.51 17.49 25.58
C MET A 195 -28.99 17.55 25.23
N MET A 196 -29.43 18.70 24.74
CA MET A 196 -30.82 18.91 24.38
C MET A 196 -31.25 18.10 23.19
N MET A 197 -30.35 17.87 22.23
CA MET A 197 -30.62 17.05 21.05
C MET A 197 -30.74 15.57 21.44
N VAL A 198 -29.81 15.07 22.30
CA VAL A 198 -29.81 13.69 22.82
C VAL A 198 -31.12 13.44 23.62
N MET A 199 -31.49 14.36 24.51
CA MET A 199 -32.66 14.26 25.36
C MET A 199 -33.98 14.35 24.59
N ARG A 200 -34.01 15.13 23.48
CA ARG A 200 -35.22 15.25 22.66
C ARG A 200 -35.63 13.88 22.15
N LYS A 201 -34.62 13.05 21.77
CA LYS A 201 -34.76 11.68 21.28
C LYS A 201 -35.14 10.66 22.41
N ILE A 202 -34.82 10.96 23.69
CA ILE A 202 -35.14 10.12 24.87
C ILE A 202 -36.61 10.33 25.26
N ASN A 203 -37.49 9.35 25.01
CA ASN A 203 -38.90 9.48 25.41
C ASN A 203 -39.31 8.37 26.38
N ASN A 204 -39.51 8.71 27.67
CA ASN A 204 -39.85 7.75 28.72
C ASN A 204 -41.25 7.12 28.57
N ASP A 205 -42.08 7.59 27.62
CA ASP A 205 -43.42 7.05 27.41
C ASP A 205 -43.37 5.81 26.53
N GLU A 206 -42.38 5.73 25.61
CA GLU A 206 -42.22 4.62 24.70
C GLU A 206 -41.32 3.49 25.25
N SER A 207 -40.43 3.81 26.22
CA SER A 207 -39.49 2.86 26.85
C SER A 207 -38.99 3.45 28.18
N ILE A 208 -38.81 2.63 29.24
CA ILE A 208 -38.28 3.16 30.50
C ILE A 208 -36.77 3.35 30.35
N ASP A 209 -36.07 2.31 29.85
CA ASP A 209 -34.63 2.32 29.62
C ASP A 209 -34.31 2.71 28.17
N HIS A 210 -33.20 3.43 27.98
CA HIS A 210 -32.79 3.88 26.65
C HIS A 210 -31.34 3.62 26.42
N ILE A 211 -30.92 3.53 25.14
CA ILE A 211 -29.52 3.38 24.74
C ILE A 211 -29.18 4.44 23.72
N VAL A 212 -28.16 5.25 24.01
CA VAL A 212 -27.67 6.29 23.11
C VAL A 212 -26.40 5.77 22.51
N TYR A 213 -26.37 5.61 21.18
CA TYR A 213 -25.19 5.11 20.51
C TYR A 213 -24.57 6.27 19.75
N PHE A 214 -23.42 6.73 20.26
CA PHE A 214 -22.60 7.79 19.68
C PHE A 214 -21.57 7.16 18.78
N LYS A 215 -21.54 7.57 17.52
CA LYS A 215 -20.61 7.00 16.54
C LYS A 215 -19.66 8.09 16.05
N PHE A 216 -18.33 7.82 16.15
CA PHE A 216 -17.29 8.71 15.66
C PHE A 216 -16.33 7.93 14.79
N GLU A 217 -16.06 8.43 13.58
CA GLU A 217 -15.22 7.75 12.60
C GLU A 217 -14.08 8.66 12.12
N GLN A 218 -12.84 8.24 12.41
CA GLN A 218 -11.63 8.96 12.05
C GLN A 218 -10.66 8.02 11.34
N LEU A 219 -11.01 7.65 10.10
CA LEU A 219 -10.27 6.67 9.32
C LEU A 219 -9.27 7.25 8.29
N ASP A 220 -8.99 8.57 8.35
CA ASP A 220 -7.98 9.22 7.49
C ASP A 220 -6.78 9.55 8.36
N LYS A 221 -5.74 8.68 8.29
CA LYS A 221 -4.47 8.78 9.02
C LYS A 221 -3.67 10.02 8.54
N LEU A 222 -3.94 10.48 7.28
CA LEU A 222 -3.32 11.65 6.61
C LEU A 222 -3.59 12.95 7.40
N SER A 223 -4.88 13.17 7.78
CA SER A 223 -5.33 14.31 8.60
C SER A 223 -5.23 13.89 10.07
N THR A 224 -3.97 13.58 10.50
CA THR A 224 -3.61 13.10 11.84
C THR A 224 -3.79 14.23 12.88
N SER A 225 -3.48 15.51 12.53
CA SER A 225 -3.63 16.69 13.39
C SER A 225 -5.05 16.78 13.98
N THR A 226 -5.16 17.32 15.21
CA THR A 226 -6.45 17.42 15.88
C THR A 226 -7.30 18.53 15.21
N ILE A 227 -8.24 18.07 14.33
CA ILE A 227 -9.21 18.88 13.56
C ILE A 227 -10.41 19.21 14.47
N ILE A 228 -10.61 18.38 15.52
CA ILE A 228 -11.70 18.47 16.46
C ILE A 228 -11.59 19.71 17.39
N GLU A 229 -12.73 20.40 17.56
CA GLU A 229 -12.87 21.59 18.41
C GLU A 229 -12.76 21.19 19.89
N PRO A 230 -11.82 21.76 20.66
CA PRO A 230 -11.67 21.36 22.08
C PRO A 230 -12.93 21.64 22.90
N SER A 231 -13.63 22.75 22.57
CA SER A 231 -14.89 23.17 23.19
C SER A 231 -16.00 22.17 22.89
N LYS A 232 -16.05 21.64 21.65
CA LYS A 232 -17.05 20.65 21.25
C LYS A 232 -16.77 19.28 21.92
N LEU A 233 -15.48 18.91 22.09
CA LEU A 233 -15.03 17.66 22.74
C LEU A 233 -15.44 17.62 24.22
N THR A 234 -15.25 18.75 24.94
CA THR A 234 -15.59 18.86 26.38
C THR A 234 -17.11 18.75 26.59
N GLU A 235 -17.90 19.44 25.74
CA GLU A 235 -19.37 19.41 25.74
C GLU A 235 -19.85 17.97 25.60
N PHE A 236 -19.15 17.13 24.79
CA PHE A 236 -19.45 15.73 24.55
C PHE A 236 -19.17 14.89 25.80
N ILE A 237 -17.99 15.06 26.43
CA ILE A 237 -17.63 14.31 27.65
C ILE A 237 -18.53 14.75 28.83
N ASN A 238 -19.13 15.95 28.75
CA ASN A 238 -20.08 16.46 29.74
C ASN A 238 -21.41 15.73 29.61
N VAL A 239 -21.90 15.54 28.36
CA VAL A 239 -23.12 14.78 28.08
C VAL A 239 -22.90 13.36 28.56
N LEU A 240 -21.73 12.77 28.24
CA LEU A 240 -21.40 11.42 28.65
C LEU A 240 -21.39 11.28 30.19
N SER A 241 -20.83 12.27 30.94
CA SER A 241 -20.81 12.18 32.40
C SER A 241 -22.23 12.29 33.00
N VAL A 242 -23.16 12.99 32.31
CA VAL A 242 -24.55 13.12 32.78
C VAL A 242 -25.31 11.79 32.57
N LEU A 243 -25.09 11.13 31.43
CA LEU A 243 -25.74 9.85 31.10
C LEU A 243 -25.20 8.73 31.98
N GLU A 244 -23.96 8.89 32.47
CA GLU A 244 -23.29 7.97 33.37
C GLU A 244 -24.00 7.95 34.71
N LYS A 245 -24.35 9.14 35.18
CA LYS A 245 -25.00 9.35 36.45
C LYS A 245 -26.48 8.96 36.36
N SER A 246 -27.06 8.85 35.14
CA SER A 246 -28.44 8.45 34.92
C SER A 246 -28.54 6.90 34.72
N ASN A 247 -29.16 6.16 35.66
CA ASN A 247 -29.21 4.68 35.54
C ASN A 247 -30.09 4.17 34.38
N ASN A 248 -31.12 4.92 34.06
CA ASN A 248 -32.17 4.76 33.07
C ASN A 248 -31.66 4.79 31.59
N ILE A 249 -30.51 5.45 31.40
CA ILE A 249 -29.90 5.72 30.09
C ILE A 249 -28.47 5.21 30.06
N ALA A 250 -28.15 4.46 29.00
CA ALA A 250 -26.83 3.90 28.79
C ALA A 250 -26.25 4.45 27.52
N PHE A 251 -24.91 4.63 27.48
CA PHE A 251 -24.29 5.12 26.26
C PHE A 251 -23.28 4.12 25.73
N LYS A 252 -23.20 4.04 24.41
CA LYS A 252 -22.26 3.19 23.72
C LYS A 252 -21.49 4.11 22.77
N VAL A 253 -20.26 4.48 23.14
CA VAL A 253 -19.42 5.32 22.30
C VAL A 253 -18.57 4.36 21.46
N LEU A 254 -18.73 4.42 20.14
CA LEU A 254 -17.94 3.59 19.24
C LEU A 254 -17.07 4.48 18.36
N ILE A 255 -15.74 4.40 18.57
CA ILE A 255 -14.75 5.17 17.81
C ILE A 255 -13.99 4.23 16.89
N TYR A 256 -13.94 4.59 15.59
CA TYR A 256 -13.23 3.88 14.52
C TYR A 256 -12.02 4.68 14.12
N SER A 257 -10.81 4.14 14.31
CA SER A 257 -9.58 4.85 13.91
C SER A 257 -8.50 3.90 13.29
N ASN A 258 -7.41 4.51 12.87
CA ASN A 258 -6.14 3.99 12.37
C ASN A 258 -5.18 5.15 12.65
N ASN A 259 -5.79 6.36 12.82
CA ASN A 259 -5.18 7.62 13.21
C ASN A 259 -5.10 7.63 14.75
N VAL A 260 -3.87 7.65 15.32
CA VAL A 260 -3.65 7.62 16.78
C VAL A 260 -3.22 9.00 17.32
N SER A 261 -3.60 10.09 16.63
CA SER A 261 -3.34 11.48 17.03
C SER A 261 -4.63 12.14 17.52
N ILE A 262 -5.77 11.75 16.89
CA ILE A 262 -7.11 12.18 17.29
C ILE A 262 -7.55 11.17 18.36
N SER A 263 -7.24 9.88 18.12
CA SER A 263 -7.48 8.72 18.97
C SER A 263 -6.81 8.89 20.31
N SER A 264 -5.57 9.40 20.30
CA SER A 264 -4.77 9.63 21.49
C SER A 264 -5.38 10.73 22.37
N LEU A 265 -5.97 11.79 21.79
CA LEU A 265 -6.57 12.91 22.53
C LEU A 265 -7.92 12.50 23.14
N LEU A 266 -8.71 11.72 22.38
CA LEU A 266 -10.02 11.21 22.81
C LEU A 266 -9.86 10.31 24.01
N SER A 267 -8.97 9.30 23.88
CA SER A 267 -8.65 8.28 24.87
C SER A 267 -8.27 8.87 26.23
N THR A 268 -7.42 9.92 26.23
CA THR A 268 -6.94 10.59 27.43
C THR A 268 -8.03 11.48 28.06
N SER A 269 -8.85 12.15 27.22
CA SER A 269 -9.94 13.02 27.67
C SER A 269 -11.07 12.18 28.30
N LEU A 270 -11.39 11.04 27.66
CA LEU A 270 -12.41 10.10 28.08
C LEU A 270 -11.99 9.39 29.36
N LYS A 271 -10.69 9.00 29.49
CA LYS A 271 -10.16 8.31 30.68
C LYS A 271 -10.18 9.25 31.91
N LYS A 272 -9.69 10.50 31.75
CA LYS A 272 -9.57 11.49 32.82
C LYS A 272 -10.92 11.98 33.39
N LYS A 273 -11.89 12.34 32.54
CA LYS A 273 -13.15 12.91 33.01
C LYS A 273 -14.27 11.87 33.34
N LEU A 274 -14.22 10.65 32.77
CA LEU A 274 -15.29 9.67 32.98
C LEU A 274 -14.90 8.48 33.87
N ASN A 275 -15.94 7.81 34.43
CA ASN A 275 -15.80 6.63 35.30
C ASN A 275 -15.93 5.33 34.50
N THR A 276 -16.44 5.42 33.26
CA THR A 276 -16.62 4.27 32.39
C THR A 276 -15.25 3.95 31.80
N LYS A 277 -14.76 2.71 32.04
CA LYS A 277 -13.51 2.22 31.50
C LYS A 277 -13.71 1.86 30.03
N TYR A 278 -12.79 2.29 29.17
CA TYR A 278 -12.88 2.03 27.73
C TYR A 278 -12.17 0.73 27.35
N THR A 279 -12.71 0.05 26.32
CA THR A 279 -12.19 -1.19 25.73
C THR A 279 -11.59 -0.84 24.38
N VAL A 280 -10.58 -1.62 23.93
CA VAL A 280 -9.94 -1.46 22.62
C VAL A 280 -10.02 -2.81 21.87
N PHE A 281 -10.55 -2.77 20.66
CA PHE A 281 -10.70 -3.93 19.78
C PHE A 281 -9.75 -3.78 18.62
N GLU A 282 -8.66 -4.57 18.68
CA GLU A 282 -7.62 -4.46 17.69
C GLU A 282 -7.85 -5.36 16.51
N MET A 283 -7.94 -4.74 15.33
CA MET A 283 -8.08 -5.45 14.07
C MET A 283 -6.74 -6.16 13.75
N PRO A 284 -6.76 -7.50 13.58
CA PRO A 284 -5.50 -8.22 13.36
C PRO A 284 -4.84 -7.94 12.01
N ILE A 285 -3.50 -7.90 12.01
CA ILE A 285 -2.67 -7.70 10.82
C ILE A 285 -2.40 -9.08 10.25
N LEU A 286 -2.97 -9.36 9.08
CA LEU A 286 -2.81 -10.65 8.45
C LEU A 286 -1.51 -10.74 7.67
N THR A 287 -0.95 -11.95 7.55
CA THR A 287 0.20 -12.22 6.72
C THR A 287 -0.31 -12.30 5.27
N CYS A 288 0.56 -12.13 4.26
CA CYS A 288 0.14 -12.19 2.87
C CYS A 288 -0.61 -13.50 2.57
N ALA A 289 -0.12 -14.62 3.15
CA ALA A 289 -0.70 -15.97 3.05
C ALA A 289 -2.11 -16.03 3.64
N GLN A 290 -2.30 -15.52 4.89
CA GLN A 290 -3.60 -15.44 5.56
C GLN A 290 -4.59 -14.65 4.68
N GLU A 291 -4.15 -13.46 4.22
CA GLU A 291 -4.91 -12.55 3.36
C GLU A 291 -5.40 -13.27 2.07
N GLN A 292 -4.48 -13.96 1.38
CA GLN A 292 -4.79 -14.73 0.17
C GLN A 292 -5.83 -15.82 0.46
N GLU A 293 -5.72 -16.50 1.61
CA GLU A 293 -6.64 -17.57 2.05
C GLU A 293 -8.06 -17.02 2.26
N TYR A 294 -8.17 -15.80 2.84
CA TYR A 294 -9.45 -15.15 3.11
C TYR A 294 -10.06 -14.50 1.86
N LEU A 295 -9.24 -14.10 0.88
CA LEU A 295 -9.74 -13.54 -0.38
C LEU A 295 -10.37 -14.67 -1.19
N LYS A 296 -9.77 -15.87 -1.14
CA LYS A 296 -10.27 -17.08 -1.82
C LYS A 296 -11.60 -17.48 -1.19
N LYS A 297 -11.69 -17.42 0.17
CA LYS A 297 -12.91 -17.75 0.91
C LYS A 297 -14.08 -16.86 0.50
N MET A 298 -13.77 -15.59 0.21
CA MET A 298 -14.74 -14.58 -0.22
C MET A 298 -15.50 -14.98 -1.50
N ILE A 299 -14.82 -15.64 -2.45
CA ILE A 299 -15.43 -16.01 -3.73
C ILE A 299 -15.88 -17.49 -3.73
N LYS A 300 -15.93 -18.15 -2.55
CA LYS A 300 -16.45 -19.52 -2.41
C LYS A 300 -17.88 -19.40 -1.90
N PHE A 301 -18.83 -20.04 -2.61
CA PHE A 301 -20.23 -19.96 -2.26
C PHE A 301 -20.77 -21.25 -1.67
N THR A 302 -21.70 -21.13 -0.71
CA THR A 302 -22.27 -22.25 0.04
C THR A 302 -23.80 -22.41 -0.11
N PHE A 303 -24.50 -21.50 -0.85
CA PHE A 303 -25.95 -21.61 -1.07
C PHE A 303 -26.24 -22.84 -1.95
N ASP A 304 -27.45 -23.45 -1.84
CA ASP A 304 -27.84 -24.64 -2.63
C ASP A 304 -26.66 -25.66 -2.63
N SER A 305 -26.29 -26.10 -1.41
CA SER A 305 -25.18 -27.04 -1.14
C SER A 305 -25.31 -28.34 -1.94
N GLY A 306 -26.55 -28.82 -2.11
CA GLY A 306 -26.87 -30.02 -2.87
C GLY A 306 -27.13 -29.76 -4.35
N SER A 307 -26.22 -29.02 -5.01
CA SER A 307 -26.33 -28.75 -6.43
C SER A 307 -24.97 -28.94 -7.11
N LYS A 308 -24.98 -29.71 -8.21
CA LYS A 308 -23.81 -30.01 -9.03
C LYS A 308 -23.25 -28.76 -9.68
N LEU A 309 -24.13 -27.76 -9.91
CA LEU A 309 -23.73 -26.49 -10.49
C LEU A 309 -22.89 -25.67 -9.50
N LEU A 310 -23.23 -25.69 -8.19
CA LEU A 310 -22.42 -24.98 -7.18
C LEU A 310 -21.10 -25.73 -6.97
N GLN A 311 -21.14 -27.08 -7.02
CA GLN A 311 -19.97 -27.94 -6.90
C GLN A 311 -18.96 -27.61 -8.01
N SER A 312 -19.48 -27.43 -9.25
CA SER A 312 -18.72 -27.09 -10.45
C SER A 312 -18.08 -25.72 -10.30
N TYR A 313 -18.86 -24.70 -9.83
CA TYR A 313 -18.35 -23.36 -9.61
C TYR A 313 -17.18 -23.39 -8.62
N ASN A 314 -17.38 -23.95 -7.43
CA ASN A 314 -16.33 -23.94 -6.40
C ASN A 314 -15.08 -24.76 -6.82
N SER A 315 -15.25 -25.88 -7.52
CA SER A 315 -14.08 -26.64 -7.96
C SER A 315 -13.23 -25.82 -8.94
N LEU A 316 -13.88 -25.11 -9.90
CA LEU A 316 -13.22 -24.27 -10.91
C LEU A 316 -12.35 -23.25 -10.22
N VAL A 317 -12.94 -22.53 -9.23
CA VAL A 317 -12.26 -21.49 -8.45
C VAL A 317 -11.01 -22.08 -7.77
N THR A 318 -11.19 -23.16 -6.97
CA THR A 318 -10.13 -23.83 -6.21
C THR A 318 -8.98 -24.27 -7.10
N CYS A 319 -9.29 -24.95 -8.20
CA CYS A 319 -8.26 -25.50 -9.05
C CYS A 319 -7.55 -24.41 -9.91
N GLN A 320 -8.27 -23.33 -10.31
CA GLN A 320 -7.67 -22.22 -11.06
C GLN A 320 -6.68 -21.48 -10.11
N LEU A 321 -7.06 -21.31 -8.85
CA LEU A 321 -6.21 -20.64 -7.87
C LEU A 321 -4.91 -21.42 -7.59
N ASN A 322 -4.93 -22.77 -7.76
CA ASN A 322 -3.77 -23.64 -7.55
C ASN A 322 -2.90 -23.76 -8.81
N ASN A 323 -3.41 -23.30 -9.95
CA ASN A 323 -2.72 -23.27 -11.23
C ASN A 323 -2.08 -21.87 -11.38
N LYS A 324 -0.79 -21.77 -11.03
CA LYS A 324 0.08 -20.59 -11.05
C LYS A 324 -0.09 -19.69 -12.29
N GLU A 325 -0.29 -20.30 -13.49
CA GLU A 325 -0.39 -19.54 -14.74
C GLU A 325 -1.82 -19.23 -15.17
N SER A 326 -2.80 -19.32 -14.26
CA SER A 326 -4.19 -19.04 -14.64
C SER A 326 -4.58 -17.59 -14.43
N ASN A 327 -5.66 -17.12 -15.11
CA ASN A 327 -6.15 -15.75 -14.99
C ASN A 327 -6.42 -15.37 -13.53
N LEU A 328 -7.13 -16.28 -12.83
CA LEU A 328 -7.52 -16.10 -11.44
C LEU A 328 -6.28 -16.06 -10.51
N ALA A 329 -5.29 -16.96 -10.70
CA ALA A 329 -4.06 -17.00 -9.88
C ALA A 329 -3.22 -15.76 -10.09
N ILE A 330 -3.08 -15.34 -11.37
CA ILE A 330 -2.33 -14.14 -11.78
C ILE A 330 -3.03 -12.89 -11.17
N PHE A 331 -4.39 -12.88 -11.18
CA PHE A 331 -5.17 -11.77 -10.62
C PHE A 331 -4.88 -11.63 -9.15
N PHE A 332 -4.82 -12.78 -8.43
CA PHE A 332 -4.57 -12.82 -6.99
C PHE A 332 -3.15 -12.36 -6.66
N GLU A 333 -2.17 -12.60 -7.58
CA GLU A 333 -0.80 -12.13 -7.39
C GLU A 333 -0.77 -10.60 -7.34
N PHE A 334 -1.59 -9.93 -8.17
CA PHE A 334 -1.69 -8.48 -8.18
C PHE A 334 -2.29 -7.98 -6.85
N LEU A 335 -3.32 -8.68 -6.31
CA LEU A 335 -3.96 -8.31 -5.03
C LEU A 335 -2.93 -8.32 -3.83
N LYS A 336 -1.78 -9.05 -4.00
CA LYS A 336 -0.71 -9.08 -2.99
C LYS A 336 -0.09 -7.67 -2.83
N VAL A 337 0.01 -6.87 -3.94
CA VAL A 337 0.57 -5.50 -3.93
C VAL A 337 -0.52 -4.38 -3.95
N PHE A 338 -1.75 -4.71 -4.35
CA PHE A 338 -2.80 -3.71 -4.41
C PHE A 338 -3.22 -3.23 -2.97
N PRO A 339 -3.43 -1.90 -2.75
CA PRO A 339 -3.79 -1.39 -1.42
C PRO A 339 -5.14 -1.80 -0.86
N HIS A 340 -6.15 -2.06 -1.69
CA HIS A 340 -7.47 -2.47 -1.19
C HIS A 340 -7.86 -3.77 -1.88
N PRO A 341 -7.24 -4.93 -1.56
CA PRO A 341 -7.55 -6.17 -2.30
C PRO A 341 -8.98 -6.71 -2.20
N PHE A 342 -9.62 -6.66 -1.03
CA PHE A 342 -10.98 -7.21 -0.84
C PHE A 342 -12.01 -6.46 -1.70
N THR A 343 -11.93 -5.14 -1.72
CA THR A 343 -12.79 -4.27 -2.49
C THR A 343 -12.50 -4.42 -4.00
N TYR A 344 -11.20 -4.47 -4.43
CA TYR A 344 -10.88 -4.66 -5.86
C TYR A 344 -11.42 -6.01 -6.32
N LEU A 345 -11.29 -7.06 -5.53
CA LEU A 345 -11.82 -8.38 -5.89
C LEU A 345 -13.35 -8.35 -5.91
N PHE A 346 -13.97 -7.73 -4.90
CA PHE A 346 -15.42 -7.60 -4.80
C PHE A 346 -15.98 -6.85 -6.01
N ASN A 347 -15.40 -5.70 -6.37
CA ASN A 347 -15.89 -4.92 -7.50
C ASN A 347 -15.75 -5.68 -8.82
N ALA A 348 -14.57 -6.28 -9.05
CA ALA A 348 -14.28 -7.05 -10.25
C ALA A 348 -15.23 -8.24 -10.36
N TYR A 349 -15.45 -8.95 -9.24
CA TYR A 349 -16.30 -10.12 -9.19
C TYR A 349 -17.80 -9.79 -9.34
N THR A 350 -18.31 -8.67 -8.74
CA THR A 350 -19.71 -8.25 -8.90
C THR A 350 -20.01 -8.05 -10.39
N GLU A 351 -19.06 -7.41 -11.11
CA GLU A 351 -19.15 -7.12 -12.54
C GLU A 351 -19.24 -8.40 -13.34
N ILE A 352 -18.32 -9.37 -13.15
CA ILE A 352 -18.35 -10.66 -13.88
C ILE A 352 -19.69 -11.38 -13.66
N ILE A 353 -20.24 -11.38 -12.42
CA ILE A 353 -21.53 -11.99 -12.10
C ILE A 353 -22.67 -11.24 -12.83
N VAL A 354 -22.74 -9.92 -12.69
CA VAL A 354 -23.82 -9.11 -13.29
C VAL A 354 -23.75 -9.15 -14.85
N GLN A 355 -22.56 -9.03 -15.43
CA GLN A 355 -22.35 -9.04 -16.89
C GLN A 355 -22.67 -10.37 -17.58
N SER A 356 -22.48 -11.49 -16.87
CA SER A 356 -22.77 -12.81 -17.42
C SER A 356 -24.27 -13.06 -17.55
N ARG A 357 -24.67 -13.72 -18.64
CA ARG A 357 -26.08 -13.99 -18.95
C ARG A 357 -26.44 -15.46 -18.70
N THR A 358 -25.43 -16.33 -18.65
CA THR A 358 -25.57 -17.78 -18.40
C THR A 358 -24.49 -18.24 -17.42
N PHE A 359 -24.67 -19.42 -16.82
CA PHE A 359 -23.71 -19.98 -15.88
C PHE A 359 -22.35 -20.28 -16.58
N ASP A 360 -22.39 -20.78 -17.84
CA ASP A 360 -21.21 -21.08 -18.64
C ASP A 360 -20.42 -19.78 -18.94
N GLU A 361 -21.16 -18.65 -19.21
CA GLU A 361 -20.56 -17.35 -19.44
C GLU A 361 -19.77 -16.93 -18.19
N LEU A 362 -20.35 -17.14 -16.98
CA LEU A 362 -19.70 -16.81 -15.72
C LEU A 362 -18.38 -17.55 -15.59
N LEU A 363 -18.40 -18.89 -15.77
CA LEU A 363 -17.22 -19.74 -15.66
C LEU A 363 -16.15 -19.35 -16.69
N ASP A 364 -16.59 -18.94 -17.91
CA ASP A 364 -15.72 -18.51 -18.99
C ASP A 364 -14.97 -17.22 -18.61
N LYS A 365 -15.65 -16.31 -17.90
CA LYS A 365 -15.06 -15.05 -17.49
C LYS A 365 -14.02 -15.28 -16.38
N ILE A 366 -14.28 -16.18 -15.43
CA ILE A 366 -13.36 -16.50 -14.33
C ILE A 366 -12.08 -17.15 -14.92
N ARG A 367 -12.26 -18.02 -15.90
CA ARG A 367 -11.19 -18.75 -16.55
C ARG A 367 -10.39 -17.90 -17.52
N ASN A 368 -11.08 -17.10 -18.35
CA ASN A 368 -10.46 -16.39 -19.46
C ASN A 368 -10.60 -14.85 -19.52
N ARG A 369 -11.58 -14.23 -18.85
CA ARG A 369 -11.75 -12.77 -18.98
C ARG A 369 -11.28 -11.93 -17.77
N LEU A 370 -11.14 -12.52 -16.55
CA LEU A 370 -10.71 -11.80 -15.33
C LEU A 370 -9.20 -11.48 -15.34
N THR A 371 -8.88 -10.24 -15.70
CA THR A 371 -7.53 -9.70 -15.77
C THR A 371 -7.53 -8.25 -15.30
N ILE A 372 -6.36 -7.73 -14.94
CA ILE A 372 -6.10 -6.36 -14.50
C ILE A 372 -6.41 -5.41 -15.67
N LYS A 373 -6.16 -5.85 -16.92
CA LYS A 373 -6.39 -5.05 -18.14
C LYS A 373 -7.90 -4.94 -18.47
N ASN A 374 -8.73 -5.90 -18.01
CA ASN A 374 -10.17 -5.91 -18.33
C ASN A 374 -11.08 -5.37 -17.22
N TYR A 375 -10.74 -5.65 -15.96
CA TYR A 375 -11.52 -5.21 -14.83
C TYR A 375 -10.49 -4.36 -14.02
N PRO A 376 -10.14 -3.10 -14.47
CA PRO A 376 -9.10 -2.31 -13.80
C PRO A 376 -9.59 -1.56 -12.55
N HIS A 377 -8.68 -1.21 -11.63
CA HIS A 377 -9.06 -0.55 -10.38
C HIS A 377 -9.55 0.87 -10.61
N SER A 378 -8.99 1.53 -11.63
CA SER A 378 -9.39 2.89 -12.05
C SER A 378 -10.93 3.02 -12.19
N ALA A 379 -11.61 1.97 -12.68
CA ALA A 379 -13.05 1.88 -12.90
C ALA A 379 -13.88 1.98 -11.62
N TYR A 380 -13.27 1.76 -10.44
CA TYR A 380 -14.00 1.82 -9.17
C TYR A 380 -13.57 2.96 -8.24
N ASN A 381 -14.50 3.29 -7.33
CA ASN A 381 -14.34 4.30 -6.31
C ASN A 381 -13.97 3.52 -5.04
N PHE A 382 -12.77 3.80 -4.48
CA PHE A 382 -12.37 3.09 -3.26
C PHE A 382 -12.51 4.06 -2.09
N LYS A 383 -13.78 4.41 -1.73
CA LYS A 383 -14.02 5.32 -0.60
C LYS A 383 -13.89 4.47 0.66
N LYS A 384 -12.93 4.83 1.56
CA LYS A 384 -12.56 4.11 2.78
C LYS A 384 -13.74 3.94 3.78
N ASN A 385 -14.74 4.82 3.70
CA ASN A 385 -15.94 4.77 4.54
C ASN A 385 -17.14 4.32 3.71
N GLN A 386 -16.94 3.38 2.76
CA GLN A 386 -18.03 2.87 1.90
C GLN A 386 -18.84 1.80 2.65
N ARG A 387 -20.17 1.86 2.48
CA ARG A 387 -21.07 0.94 3.15
C ARG A 387 -22.07 0.40 2.13
N LEU A 388 -22.22 -0.92 2.10
CA LEU A 388 -23.10 -1.64 1.18
C LEU A 388 -24.59 -1.54 1.56
N PRO A 389 -25.54 -1.67 0.61
CA PRO A 389 -26.97 -1.66 0.97
C PRO A 389 -27.35 -2.74 1.99
N LEU A 390 -28.40 -2.47 2.76
CA LEU A 390 -28.96 -3.30 3.84
C LEU A 390 -29.52 -4.64 3.34
N LYS A 391 -29.64 -5.62 4.28
CA LYS A 391 -30.04 -7.01 4.07
C LYS A 391 -31.44 -7.19 3.39
N LEU A 392 -32.57 -6.88 4.09
CA LEU A 392 -34.00 -7.02 3.71
C LEU A 392 -34.51 -8.44 4.05
N LYS B 67 32.50 -3.51 -38.27
CA LYS B 67 32.78 -4.11 -36.96
C LYS B 67 34.01 -3.45 -36.28
N GLU B 68 34.71 -2.54 -37.00
CA GLU B 68 35.90 -1.80 -36.54
C GLU B 68 35.65 -1.07 -35.21
N ARG B 69 34.50 -0.39 -35.10
CA ARG B 69 34.08 0.33 -33.90
C ARG B 69 33.20 -0.56 -33.03
N VAL B 70 33.57 -0.71 -31.76
CA VAL B 70 32.86 -1.56 -30.79
C VAL B 70 31.99 -0.71 -29.85
N ASP B 71 30.65 -0.90 -29.99
CA ASP B 71 29.58 -0.27 -29.20
C ASP B 71 29.69 -0.65 -27.72
N HIS B 72 30.26 -1.85 -27.45
CA HIS B 72 30.50 -2.43 -26.13
C HIS B 72 31.41 -1.58 -25.26
N VAL B 73 32.39 -0.89 -25.89
CA VAL B 73 33.34 -0.06 -25.14
C VAL B 73 32.68 1.25 -24.72
N PHE B 74 31.95 1.92 -25.65
CA PHE B 74 31.24 3.17 -25.34
C PHE B 74 30.18 2.95 -24.27
N TYR B 75 29.41 1.84 -24.39
CA TYR B 75 28.32 1.51 -23.51
C TYR B 75 28.80 1.28 -22.09
N GLN B 76 29.95 0.60 -21.88
CA GLN B 76 30.52 0.36 -20.55
C GLN B 76 30.64 1.67 -19.75
N LYS B 77 31.12 2.74 -20.43
CA LYS B 77 31.29 4.09 -19.87
C LYS B 77 29.92 4.68 -19.49
N PHE B 78 28.94 4.59 -20.42
CA PHE B 78 27.57 5.10 -20.21
C PHE B 78 26.90 4.36 -19.05
N LYS B 79 26.92 3.01 -19.10
CA LYS B 79 26.38 2.06 -18.13
C LYS B 79 26.78 2.46 -16.72
N SER B 80 28.09 2.62 -16.48
CA SER B 80 28.65 3.00 -15.18
C SER B 80 28.20 4.41 -14.77
N MET B 81 28.12 5.35 -15.71
CA MET B 81 27.70 6.73 -15.42
C MET B 81 26.20 6.82 -15.09
N ALA B 82 25.38 6.04 -15.82
CA ALA B 82 23.93 5.96 -15.63
C ALA B 82 23.63 5.33 -14.28
N LEU B 83 24.37 4.25 -13.94
CA LEU B 83 24.21 3.57 -12.67
C LEU B 83 24.55 4.51 -11.51
N GLN B 84 25.62 5.33 -11.64
CA GLN B 84 26.01 6.31 -10.62
C GLN B 84 24.94 7.39 -10.47
N GLU B 85 24.42 7.94 -11.61
CA GLU B 85 23.43 9.00 -11.50
C GLU B 85 22.10 8.49 -10.97
N LEU B 86 21.67 7.28 -11.39
CA LEU B 86 20.41 6.70 -10.90
C LEU B 86 20.49 6.58 -9.38
N GLY B 87 21.65 6.11 -8.90
CA GLY B 87 21.94 5.99 -7.48
C GLY B 87 21.77 7.32 -6.77
N THR B 88 22.47 8.36 -7.27
CA THR B 88 22.47 9.73 -6.78
C THR B 88 21.06 10.30 -6.73
N ASN B 89 20.31 10.18 -7.86
CA ASN B 89 18.94 10.65 -8.01
C ASN B 89 18.02 10.05 -6.97
N TYR B 90 18.08 8.73 -6.80
CA TYR B 90 17.28 7.97 -5.84
C TYR B 90 17.46 8.54 -4.43
N LEU B 91 18.74 8.69 -4.00
CA LEU B 91 19.15 9.16 -2.66
C LEU B 91 18.95 10.66 -2.46
N SER B 92 18.77 11.43 -3.55
CA SER B 92 18.51 12.85 -3.41
C SER B 92 17.01 13.05 -3.11
N ILE B 93 16.69 13.70 -1.99
CA ILE B 93 15.27 13.88 -1.70
C ILE B 93 15.03 15.28 -2.22
N SER B 94 14.86 15.39 -3.56
CA SER B 94 14.80 16.64 -4.32
C SER B 94 13.66 17.55 -3.90
N TYR B 95 12.52 16.94 -3.48
CA TYR B 95 11.34 17.65 -3.00
C TYR B 95 11.57 18.24 -1.59
N VAL B 96 12.72 17.88 -0.93
CA VAL B 96 13.21 18.42 0.36
C VAL B 96 14.62 19.07 0.13
N PRO B 97 14.72 20.21 -0.61
CA PRO B 97 16.05 20.80 -0.86
C PRO B 97 16.72 21.39 0.39
N SER B 98 15.91 21.82 1.36
CA SER B 98 16.32 22.39 2.64
C SER B 98 17.14 21.43 3.52
N LEU B 99 17.06 20.11 3.26
CA LEU B 99 17.69 19.07 4.05
C LEU B 99 19.21 19.20 4.23
N SER B 100 19.97 19.36 3.13
CA SER B 100 21.43 19.42 3.24
C SER B 100 21.90 20.58 4.09
N LYS B 101 21.24 21.76 3.95
CA LYS B 101 21.56 22.96 4.74
C LYS B 101 21.18 22.71 6.20
N PHE B 102 20.05 22.07 6.44
CA PHE B 102 19.58 21.76 7.79
C PHE B 102 20.58 20.89 8.54
N LEU B 103 21.11 19.83 7.88
CA LEU B 103 22.04 18.91 8.50
C LEU B 103 23.38 19.56 8.84
N SER B 104 24.00 20.30 7.91
CA SER B 104 25.27 20.98 8.17
C SER B 104 25.15 21.96 9.34
N LYS B 105 23.99 22.66 9.47
CA LYS B 105 23.75 23.61 10.57
C LYS B 105 23.74 22.90 11.94
N ASN B 106 22.95 21.84 12.05
CA ASN B 106 22.72 21.12 13.29
C ASN B 106 23.83 20.13 13.67
N LEU B 107 24.45 19.44 12.69
CA LEU B 107 25.46 18.39 12.95
C LEU B 107 26.89 18.90 13.02
N ARG B 108 27.24 19.93 12.24
CA ARG B 108 28.60 20.46 12.21
C ARG B 108 28.73 21.68 13.16
N SER B 109 28.32 21.48 14.42
CA SER B 109 28.37 22.48 15.50
C SER B 109 28.63 21.74 16.78
N MET B 110 29.01 22.48 17.83
CA MET B 110 29.29 21.91 19.15
C MET B 110 28.07 22.07 20.10
N LYS B 111 26.87 22.32 19.50
CA LYS B 111 25.61 22.50 20.22
C LYS B 111 24.90 21.17 20.23
N ASN B 112 24.38 20.73 21.38
CA ASN B 112 23.67 19.46 21.44
C ASN B 112 22.33 19.60 20.70
N CYS B 113 21.85 18.54 20.05
CA CYS B 113 20.56 18.64 19.36
C CYS B 113 19.84 17.30 19.23
N ILE B 114 18.51 17.34 19.33
CA ILE B 114 17.65 16.18 19.16
C ILE B 114 16.79 16.46 17.92
N VAL B 115 16.86 15.57 16.91
CA VAL B 115 16.11 15.76 15.67
C VAL B 115 15.22 14.56 15.39
N PHE B 116 13.93 14.83 15.22
CA PHE B 116 12.92 13.84 14.88
C PHE B 116 12.65 13.92 13.41
N PHE B 117 12.76 12.79 12.71
CA PHE B 117 12.46 12.72 11.30
C PHE B 117 11.10 12.03 11.20
N ASP B 118 10.03 12.84 11.16
CA ASP B 118 8.68 12.31 11.11
C ASP B 118 8.23 12.14 9.70
N LYS B 119 7.24 11.22 9.52
CA LYS B 119 6.60 10.86 8.26
C LYS B 119 7.64 10.26 7.28
N VAL B 120 8.62 9.48 7.83
CA VAL B 120 9.63 8.76 7.03
C VAL B 120 8.94 7.48 6.55
N GLU B 121 8.16 7.60 5.46
CA GLU B 121 7.30 6.56 4.90
C GLU B 121 7.96 5.74 3.78
N HIS B 122 9.03 6.24 3.18
CA HIS B 122 9.67 5.54 2.07
C HIS B 122 11.13 5.16 2.34
N ILE B 123 11.55 4.02 1.75
CA ILE B 123 12.91 3.47 1.77
C ILE B 123 13.86 4.56 1.30
N HIS B 124 13.53 5.23 0.17
CA HIS B 124 14.35 6.28 -0.44
C HIS B 124 14.54 7.46 0.50
N GLN B 125 13.55 7.77 1.37
CA GLN B 125 13.66 8.86 2.34
C GLN B 125 14.66 8.48 3.38
N TYR B 126 14.52 7.31 4.04
CA TYR B 126 15.48 6.82 5.03
C TYR B 126 16.92 6.74 4.48
N ALA B 127 17.11 6.01 3.37
CA ALA B 127 18.39 5.86 2.69
C ALA B 127 19.01 7.22 2.34
N GLY B 128 18.18 8.14 1.87
CA GLY B 128 18.57 9.48 1.49
C GLY B 128 19.04 10.33 2.65
N ILE B 129 18.28 10.28 3.78
CA ILE B 129 18.58 11.03 5.01
C ILE B 129 19.86 10.48 5.60
N ASP B 130 19.96 9.14 5.67
CA ASP B 130 21.13 8.49 6.24
C ASP B 130 22.43 8.85 5.52
N ARG B 131 22.45 8.74 4.16
CA ARG B 131 23.62 9.10 3.35
C ARG B 131 24.01 10.56 3.57
N ALA B 132 23.01 11.46 3.61
CA ALA B 132 23.19 12.87 3.86
C ALA B 132 23.82 13.14 5.23
N VAL B 133 23.42 12.37 6.25
CA VAL B 133 23.95 12.47 7.61
C VAL B 133 25.38 11.96 7.59
N SER B 134 25.60 10.79 6.99
CA SER B 134 26.90 10.14 6.83
C SER B 134 27.89 11.04 6.13
N GLU B 135 27.46 11.78 5.11
CA GLU B 135 28.32 12.72 4.39
C GLU B 135 28.64 13.99 5.21
N THR B 136 27.65 14.51 5.96
CA THR B 136 27.82 15.72 6.76
C THR B 136 28.87 15.48 7.86
N LEU B 137 28.79 14.30 8.53
CA LEU B 137 29.70 13.93 9.61
C LEU B 137 31.09 13.59 9.08
N SER B 138 31.20 13.28 7.77
CA SER B 138 32.48 13.01 7.14
C SER B 138 33.30 14.32 7.04
N LEU B 139 32.61 15.46 6.93
CA LEU B 139 33.25 16.77 6.86
C LEU B 139 33.82 17.24 8.21
N VAL B 140 33.24 16.73 9.33
CA VAL B 140 33.63 17.08 10.71
C VAL B 140 35.04 16.54 10.99
N ASP B 141 36.01 17.44 11.32
CA ASP B 141 37.39 16.99 11.57
C ASP B 141 37.69 16.61 13.04
N ILE B 142 36.77 16.91 13.95
CA ILE B 142 36.94 16.51 15.35
C ILE B 142 36.35 15.10 15.54
N ASN B 143 36.66 14.47 16.69
CA ASN B 143 36.22 13.10 16.95
C ASN B 143 34.69 12.98 16.95
N VAL B 144 34.20 12.05 16.11
CA VAL B 144 32.78 11.67 15.95
C VAL B 144 32.67 10.22 16.40
N VAL B 145 31.79 9.99 17.38
CA VAL B 145 31.47 8.70 17.96
C VAL B 145 30.06 8.35 17.46
N ILE B 146 29.84 7.10 16.99
CA ILE B 146 28.50 6.71 16.53
C ILE B 146 27.96 5.64 17.46
N ILE B 147 26.79 5.88 18.04
CA ILE B 147 26.14 4.94 18.93
C ILE B 147 24.78 4.64 18.32
N GLU B 148 24.55 3.33 18.02
CA GLU B 148 23.29 2.82 17.48
C GLU B 148 22.48 2.35 18.69
N MET B 149 21.41 3.09 19.00
CA MET B 149 20.57 2.90 20.17
C MET B 149 19.54 1.79 20.03
N ASN B 150 19.35 1.29 18.82
CA ASN B 150 18.32 0.31 18.51
C ASN B 150 18.40 -0.95 19.35
N ASP B 151 19.49 -1.73 19.28
CA ASP B 151 19.50 -2.97 20.07
C ASP B 151 19.76 -2.75 21.59
N TYR B 152 19.74 -1.48 22.07
CA TYR B 152 19.90 -1.13 23.48
C TYR B 152 18.55 -0.89 24.20
N LEU B 153 17.70 -0.02 23.62
CA LEU B 153 16.41 0.38 24.19
C LEU B 153 15.30 -0.68 24.04
N MET B 154 15.30 -1.49 22.95
CA MET B 154 14.28 -2.54 22.73
C MET B 154 14.44 -3.73 23.70
N LYS B 155 13.32 -4.43 24.01
CA LYS B 155 13.28 -5.60 24.90
C LYS B 155 13.60 -6.87 24.12
N SER B 192 25.96 2.16 35.07
CA SER B 192 26.19 3.12 33.99
C SER B 192 26.92 2.44 32.81
N ASP B 193 26.36 1.31 32.30
CA ASP B 193 26.99 0.58 31.20
C ASP B 193 26.99 1.39 29.90
N LEU B 194 25.95 2.21 29.64
CA LEU B 194 25.85 3.08 28.45
C LEU B 194 26.90 4.17 28.54
N MET B 195 26.91 4.88 29.68
CA MET B 195 27.84 5.95 29.98
C MET B 195 29.26 5.50 29.78
N MET B 196 29.59 4.32 30.29
CA MET B 196 30.94 3.78 30.21
C MET B 196 31.31 3.40 28.80
N MET B 197 30.35 2.94 28.00
CA MET B 197 30.57 2.57 26.60
C MET B 197 30.82 3.84 25.74
N VAL B 198 30.00 4.90 25.96
CA VAL B 198 30.12 6.20 25.28
C VAL B 198 31.50 6.81 25.63
N MET B 199 31.88 6.81 26.92
CA MET B 199 33.14 7.39 27.41
C MET B 199 34.37 6.63 26.96
N ARG B 200 34.27 5.30 26.77
CA ARG B 200 35.40 4.48 26.29
C ARG B 200 35.85 5.01 24.93
N LYS B 201 34.86 5.38 24.07
CA LYS B 201 35.05 5.93 22.74
C LYS B 201 35.58 7.41 22.74
N ILE B 202 35.35 8.17 23.84
CA ILE B 202 35.80 9.57 24.02
C ILE B 202 37.28 9.58 24.42
N ASN B 203 38.18 9.96 23.50
CA ASN B 203 39.60 10.02 23.84
C ASN B 203 40.16 11.45 23.66
N ASN B 204 40.45 12.12 24.79
CA ASN B 204 40.92 13.50 24.81
C ASN B 204 42.33 13.68 24.20
N ASP B 205 43.03 12.58 23.89
CA ASP B 205 44.38 12.66 23.31
C ASP B 205 44.32 12.86 21.79
N GLU B 206 43.27 12.34 21.14
CA GLU B 206 43.09 12.44 19.70
C GLU B 206 42.29 13.71 19.28
N SER B 207 41.50 14.30 20.21
CA SER B 207 40.66 15.47 19.97
C SER B 207 40.25 16.11 21.30
N ILE B 208 40.19 17.45 21.43
CA ILE B 208 39.73 18.08 22.69
C ILE B 208 38.18 17.98 22.75
N ASP B 209 37.51 18.39 21.67
CA ASP B 209 36.06 18.35 21.52
C ASP B 209 35.61 17.07 20.83
N HIS B 210 34.45 16.55 21.23
CA HIS B 210 33.93 15.31 20.66
C HIS B 210 32.47 15.47 20.31
N ILE B 211 31.98 14.65 19.36
CA ILE B 211 30.58 14.60 18.96
C ILE B 211 30.08 13.16 19.06
N VAL B 212 29.05 12.94 19.86
CA VAL B 212 28.45 11.62 20.03
C VAL B 212 27.17 11.65 19.25
N TYR B 213 27.06 10.81 18.22
CA TYR B 213 25.87 10.75 17.40
C TYR B 213 25.12 9.46 17.75
N PHE B 214 23.98 9.64 18.45
CA PHE B 214 23.07 8.57 18.84
C PHE B 214 22.02 8.44 17.77
N LYS B 215 21.90 7.23 17.19
CA LYS B 215 20.95 6.97 16.12
C LYS B 215 19.90 5.95 16.59
N PHE B 216 18.62 6.32 16.47
CA PHE B 216 17.51 5.45 16.80
C PHE B 216 16.54 5.42 15.65
N GLU B 217 16.19 4.22 15.20
CA GLU B 217 15.34 4.02 14.02
C GLU B 217 14.13 3.14 14.36
N GLN B 218 12.95 3.73 14.25
CA GLN B 218 11.68 3.05 14.51
C GLN B 218 10.73 3.26 13.35
N LEU B 219 11.03 2.57 12.24
CA LEU B 219 10.29 2.73 10.99
C LEU B 219 9.19 1.66 10.73
N ASP B 220 8.85 0.83 11.74
CA ASP B 220 7.78 -0.15 11.65
C ASP B 220 6.60 0.36 12.49
N LYS B 221 5.61 0.95 11.78
CA LYS B 221 4.38 1.51 12.36
C LYS B 221 3.48 0.39 12.95
N LEU B 222 3.66 -0.87 12.46
CA LEU B 222 2.98 -2.12 12.87
C LEU B 222 3.22 -2.40 14.37
N SER B 223 4.50 -2.35 14.80
CA SER B 223 4.94 -2.52 16.19
C SER B 223 4.92 -1.14 16.87
N THR B 224 3.71 -0.53 16.90
CA THR B 224 3.42 0.81 17.44
C THR B 224 3.58 0.83 18.98
N SER B 225 3.19 -0.27 19.69
CA SER B 225 3.29 -0.41 21.15
C SER B 225 4.73 -0.14 21.63
N THR B 226 4.88 0.42 22.84
CA THR B 226 6.20 0.75 23.40
C THR B 226 6.93 -0.55 23.79
N ILE B 227 7.84 -0.99 22.88
CA ILE B 227 8.70 -2.19 23.00
C ILE B 227 9.92 -1.82 23.86
N ILE B 228 10.24 -0.52 23.92
CA ILE B 228 11.39 0.04 24.63
C ILE B 228 11.25 -0.08 26.16
N GLU B 229 12.36 -0.51 26.81
CA GLU B 229 12.46 -0.67 28.26
C GLU B 229 12.48 0.70 28.94
N PRO B 230 11.55 0.98 29.89
CA PRO B 230 11.53 2.31 30.52
C PRO B 230 12.82 2.62 31.28
N SER B 231 13.44 1.58 31.89
CA SER B 231 14.70 1.64 32.61
C SER B 231 15.86 1.98 31.67
N LYS B 232 15.84 1.41 30.45
CA LYS B 232 16.89 1.67 29.45
C LYS B 232 16.74 3.08 28.87
N LEU B 233 15.50 3.60 28.79
CA LEU B 233 15.21 4.95 28.29
C LEU B 233 15.68 6.01 29.27
N THR B 234 15.41 5.84 30.58
CA THR B 234 15.82 6.82 31.61
C THR B 234 17.36 6.86 31.73
N GLU B 235 18.07 5.72 31.53
CA GLU B 235 19.54 5.60 31.52
C GLU B 235 20.10 6.41 30.37
N PHE B 236 19.39 6.42 29.21
CA PHE B 236 19.76 7.16 28.00
C PHE B 236 19.61 8.68 28.23
N ILE B 237 18.46 9.13 28.79
CA ILE B 237 18.22 10.56 29.03
C ILE B 237 19.17 11.05 30.14
N ASN B 238 19.67 10.14 31.00
CA ASN B 238 20.65 10.46 32.04
C ASN B 238 22.01 10.71 31.41
N VAL B 239 22.40 9.84 30.43
CA VAL B 239 23.65 9.96 29.67
C VAL B 239 23.61 11.29 28.92
N LEU B 240 22.44 11.61 28.33
CA LEU B 240 22.23 12.87 27.64
C LEU B 240 22.34 14.05 28.61
N SER B 241 21.75 13.94 29.84
CA SER B 241 21.81 15.00 30.86
C SER B 241 23.25 15.30 31.31
N VAL B 242 24.15 14.30 31.22
CA VAL B 242 25.55 14.44 31.60
C VAL B 242 26.32 15.10 30.47
N LEU B 243 26.10 14.68 29.20
CA LEU B 243 26.80 15.22 28.02
C LEU B 243 26.39 16.67 27.76
N GLU B 244 25.13 16.98 28.11
CA GLU B 244 24.50 18.30 28.01
C GLU B 244 25.27 19.30 28.91
N LYS B 245 25.68 18.86 30.14
CA LYS B 245 26.41 19.63 31.16
C LYS B 245 27.93 19.66 30.89
N SER B 246 28.43 18.75 30.01
CA SER B 246 29.84 18.70 29.59
C SER B 246 30.05 19.56 28.33
N ASN B 247 30.80 20.68 28.44
CA ASN B 247 30.99 21.59 27.28
C ASN B 247 31.80 20.99 26.13
N ASN B 248 32.75 20.15 26.48
CA ASN B 248 33.72 19.42 25.68
C ASN B 248 33.08 18.40 24.70
N ILE B 249 31.88 17.91 25.05
CA ILE B 249 31.18 16.85 24.35
C ILE B 249 29.76 17.32 23.94
N ALA B 250 29.44 17.16 22.64
CA ALA B 250 28.17 17.55 22.04
C ALA B 250 27.44 16.33 21.56
N PHE B 251 26.13 16.23 21.83
CA PHE B 251 25.41 15.05 21.37
C PHE B 251 24.48 15.42 20.22
N LYS B 252 24.35 14.51 19.27
CA LYS B 252 23.43 14.66 18.15
C LYS B 252 22.55 13.42 18.15
N VAL B 253 21.32 13.53 18.67
CA VAL B 253 20.36 12.42 18.70
C VAL B 253 19.47 12.55 17.49
N LEU B 254 19.46 11.53 16.64
CA LEU B 254 18.66 11.49 15.43
C LEU B 254 17.68 10.32 15.50
N ILE B 255 16.38 10.63 15.61
CA ILE B 255 15.32 9.64 15.66
C ILE B 255 14.56 9.64 14.35
N TYR B 256 14.41 8.45 13.72
CA TYR B 256 13.68 8.21 12.48
C TYR B 256 12.42 7.46 12.81
N SER B 257 11.25 8.06 12.54
CA SER B 257 9.98 7.38 12.81
C SER B 257 8.91 7.67 11.70
N ASN B 258 7.76 7.02 11.86
CA ASN B 258 6.48 7.11 11.18
C ASN B 258 5.51 6.58 12.23
N ASN B 259 6.11 5.91 13.26
CA ASN B 259 5.53 5.37 14.49
C ASN B 259 5.23 6.53 15.45
N VAL B 260 4.13 6.43 16.22
CA VAL B 260 3.66 7.51 17.09
C VAL B 260 3.72 7.18 18.58
N SER B 261 3.25 6.00 19.03
CA SER B 261 3.26 5.61 20.46
C SER B 261 4.68 5.53 21.03
N ILE B 262 5.71 5.46 20.14
CA ILE B 262 7.15 5.46 20.43
C ILE B 262 7.64 6.91 20.28
N SER B 263 7.42 7.53 19.09
CA SER B 263 7.80 8.91 18.75
C SER B 263 7.31 9.94 19.80
N SER B 264 6.15 9.66 20.45
CA SER B 264 5.55 10.51 21.49
C SER B 264 6.17 10.26 22.87
N LEU B 265 6.39 8.97 23.27
CA LEU B 265 6.99 8.65 24.58
C LEU B 265 8.42 9.25 24.70
N LEU B 266 9.21 9.14 23.62
CA LEU B 266 10.56 9.68 23.55
C LEU B 266 10.52 11.19 23.68
N SER B 267 9.68 11.83 22.85
CA SER B 267 9.46 13.29 22.75
C SER B 267 9.14 13.93 24.10
N THR B 268 8.23 13.30 24.88
CA THR B 268 7.80 13.78 26.19
C THR B 268 8.87 13.56 27.26
N SER B 269 9.59 12.43 27.21
CA SER B 269 10.66 12.10 28.15
C SER B 269 11.87 13.03 27.95
N LEU B 270 12.21 13.29 26.66
CA LEU B 270 13.33 14.16 26.26
C LEU B 270 13.01 15.61 26.58
N LYS B 271 11.74 16.06 26.38
CA LYS B 271 11.32 17.44 26.67
C LYS B 271 11.37 17.73 28.18
N LYS B 272 10.81 16.82 29.01
CA LYS B 272 10.72 16.95 30.47
C LYS B 272 12.06 16.95 31.20
N LYS B 273 12.95 15.99 30.90
CA LYS B 273 14.21 15.85 31.65
C LYS B 273 15.39 16.71 31.09
N LEU B 274 15.38 17.09 29.79
CA LEU B 274 16.53 17.83 29.23
C LEU B 274 16.23 19.31 28.94
N ASN B 275 17.31 20.10 28.84
CA ASN B 275 17.25 21.54 28.53
C ASN B 275 17.44 21.79 27.03
N THR B 276 17.93 20.77 26.28
CA THR B 276 18.14 20.84 24.84
C THR B 276 16.77 20.74 24.19
N LYS B 277 16.38 21.79 23.42
CA LYS B 277 15.11 21.79 22.70
C LYS B 277 15.26 20.94 21.45
N TYR B 278 14.26 20.10 21.19
CA TYR B 278 14.32 19.25 19.99
C TYR B 278 13.65 19.95 18.83
N THR B 279 13.92 19.46 17.62
CA THR B 279 13.39 19.99 16.38
C THR B 279 12.74 18.81 15.62
N VAL B 280 11.63 19.08 14.92
CA VAL B 280 10.90 18.04 14.17
C VAL B 280 11.01 18.33 12.64
N PHE B 281 11.73 17.47 11.90
CA PHE B 281 11.88 17.60 10.45
C PHE B 281 10.83 16.72 9.80
N GLU B 282 9.80 17.36 9.27
CA GLU B 282 8.69 16.62 8.70
C GLU B 282 8.90 16.35 7.22
N MET B 283 8.87 15.08 6.86
CA MET B 283 8.95 14.62 5.48
C MET B 283 7.62 14.97 4.79
N PRO B 284 7.64 15.74 3.68
CA PRO B 284 6.37 16.13 3.04
C PRO B 284 5.64 14.98 2.34
N ILE B 285 4.30 14.99 2.42
CA ILE B 285 3.45 13.99 1.77
C ILE B 285 3.15 14.50 0.37
N LEU B 286 3.66 13.79 -0.64
CA LEU B 286 3.44 14.21 -2.01
C LEU B 286 2.11 13.75 -2.54
N THR B 287 1.55 14.51 -3.50
CA THR B 287 0.34 14.13 -4.22
C THR B 287 0.76 13.10 -5.26
N CYS B 288 -0.18 12.28 -5.75
CA CYS B 288 0.15 11.26 -6.75
C CYS B 288 0.89 11.88 -7.95
N ALA B 289 0.43 13.08 -8.39
CA ALA B 289 1.00 13.86 -9.50
C ALA B 289 2.44 14.27 -9.20
N GLN B 290 2.69 14.77 -7.98
CA GLN B 290 4.00 15.21 -7.51
C GLN B 290 4.95 14.05 -7.49
N GLU B 291 4.49 12.90 -6.96
CA GLU B 291 5.22 11.63 -6.87
C GLU B 291 5.63 11.20 -8.27
N GLN B 292 4.67 11.28 -9.20
CA GLN B 292 4.85 10.92 -10.60
C GLN B 292 5.95 11.80 -11.21
N GLU B 293 5.95 13.10 -10.85
CA GLU B 293 6.94 14.08 -11.31
C GLU B 293 8.36 13.68 -10.87
N TYR B 294 8.54 13.38 -9.58
CA TYR B 294 9.83 13.03 -8.99
C TYR B 294 10.34 11.64 -9.43
N LEU B 295 9.43 10.71 -9.78
CA LEU B 295 9.82 9.40 -10.30
C LEU B 295 10.38 9.57 -11.70
N LYS B 296 9.76 10.46 -12.51
CA LYS B 296 10.21 10.78 -13.87
C LYS B 296 11.60 11.44 -13.77
N LYS B 297 11.76 12.39 -12.83
CA LYS B 297 13.01 13.12 -12.61
C LYS B 297 14.18 12.15 -12.29
N MET B 298 13.90 11.03 -11.57
CA MET B 298 14.86 10.02 -11.15
C MET B 298 15.55 9.30 -12.31
N ILE B 299 14.84 9.11 -13.44
CA ILE B 299 15.40 8.39 -14.60
C ILE B 299 15.87 9.39 -15.69
N LYS B 300 16.00 10.69 -15.34
CA LYS B 300 16.57 11.70 -16.24
C LYS B 300 18.03 11.91 -15.85
N PHE B 301 18.95 11.79 -16.82
CA PHE B 301 20.38 11.90 -16.56
C PHE B 301 20.96 13.19 -17.10
N THR B 302 21.94 13.76 -16.36
CA THR B 302 22.57 15.05 -16.65
C THR B 302 24.12 14.96 -16.90
N PHE B 303 24.75 13.76 -16.73
CA PHE B 303 26.19 13.59 -16.98
C PHE B 303 26.49 13.78 -18.47
N ASP B 304 27.73 14.22 -18.85
CA ASP B 304 28.12 14.44 -20.26
C ASP B 304 26.98 15.19 -21.01
N SER B 305 26.66 16.41 -20.52
CA SER B 305 25.60 17.30 -21.01
C SER B 305 25.75 17.59 -22.52
N GLY B 306 27.00 17.72 -22.98
CA GLY B 306 27.34 17.97 -24.37
C GLY B 306 27.54 16.71 -25.18
N SER B 307 26.57 15.76 -25.11
CA SER B 307 26.61 14.53 -25.89
C SER B 307 25.24 14.23 -26.49
N LYS B 308 25.23 13.96 -27.81
CA LYS B 308 24.03 13.65 -28.58
C LYS B 308 23.36 12.37 -28.10
N LEU B 309 24.18 11.45 -27.53
CA LEU B 309 23.68 10.18 -27.01
C LEU B 309 22.88 10.41 -25.71
N LEU B 310 23.29 11.35 -24.84
CA LEU B 310 22.52 11.66 -23.63
C LEU B 310 21.22 12.40 -23.98
N GLN B 311 21.24 13.35 -24.93
CA GLN B 311 20.02 14.05 -25.29
C GLN B 311 19.05 13.12 -26.05
N SER B 312 19.55 12.04 -26.71
CA SER B 312 18.73 11.00 -27.35
C SER B 312 18.03 10.17 -26.25
N TYR B 313 18.80 9.77 -25.20
CA TYR B 313 18.25 9.02 -24.06
C TYR B 313 17.13 9.83 -23.40
N ASN B 314 17.41 11.07 -22.97
CA ASN B 314 16.44 11.91 -22.27
C ASN B 314 15.22 12.31 -23.14
N SER B 315 15.36 12.42 -24.46
CA SER B 315 14.19 12.71 -25.28
C SER B 315 13.27 11.48 -25.30
N LEU B 316 13.84 10.26 -25.46
CA LEU B 316 13.09 9.00 -25.51
C LEU B 316 12.23 8.84 -24.26
N VAL B 317 12.80 9.01 -23.05
CA VAL B 317 12.05 8.85 -21.81
C VAL B 317 10.96 9.93 -21.71
N THR B 318 11.29 11.22 -21.96
CA THR B 318 10.30 12.32 -21.92
C THR B 318 9.12 11.97 -22.83
N CYS B 319 9.44 11.44 -24.04
CA CYS B 319 8.49 11.02 -25.08
C CYS B 319 7.56 9.92 -24.57
N GLN B 320 8.14 8.74 -24.28
CA GLN B 320 7.43 7.55 -23.80
C GLN B 320 6.48 7.90 -22.65
N LEU B 321 6.92 8.78 -21.73
CA LEU B 321 6.12 9.21 -20.57
C LEU B 321 4.95 10.17 -20.94
N ASN B 322 5.00 10.86 -22.11
CA ASN B 322 3.90 11.71 -22.57
C ASN B 322 2.90 10.92 -23.37
N ASN B 323 3.33 9.72 -23.81
CA ASN B 323 2.51 8.80 -24.60
C ASN B 323 1.87 7.82 -23.64
N LYS B 324 0.60 8.09 -23.32
CA LYS B 324 -0.29 7.36 -22.41
C LYS B 324 -0.23 5.82 -22.55
N GLU B 325 -0.11 5.31 -23.80
CA GLU B 325 -0.12 3.87 -24.07
C GLU B 325 1.27 3.23 -24.19
N SER B 326 2.37 4.00 -24.06
CA SER B 326 3.71 3.44 -24.17
C SER B 326 4.04 2.55 -22.96
N ASN B 327 4.93 1.57 -23.12
CA ASN B 327 5.32 0.65 -22.05
C ASN B 327 5.74 1.36 -20.74
N LEU B 328 6.62 2.39 -20.87
CA LEU B 328 7.17 3.17 -19.77
C LEU B 328 6.05 3.87 -18.98
N ALA B 329 5.08 4.50 -19.70
CA ALA B 329 3.96 5.21 -19.10
C ALA B 329 2.97 4.26 -18.43
N ILE B 330 2.81 3.01 -18.94
CA ILE B 330 1.92 2.02 -18.32
C ILE B 330 2.58 1.55 -17.02
N PHE B 331 3.92 1.33 -17.02
CA PHE B 331 4.69 0.94 -15.83
C PHE B 331 4.51 2.00 -14.74
N PHE B 332 4.64 3.29 -15.12
CA PHE B 332 4.47 4.43 -14.22
C PHE B 332 3.03 4.51 -13.70
N GLU B 333 2.03 4.07 -14.50
CA GLU B 333 0.64 4.06 -14.02
C GLU B 333 0.50 3.02 -12.88
N PHE B 334 1.36 1.97 -12.87
CA PHE B 334 1.31 0.95 -11.82
C PHE B 334 1.96 1.45 -10.57
N LEU B 335 3.06 2.20 -10.70
CA LEU B 335 3.75 2.79 -9.56
C LEU B 335 2.79 3.63 -8.70
N LYS B 336 1.63 4.03 -9.26
CA LYS B 336 0.61 4.82 -8.55
C LYS B 336 0.00 3.97 -7.41
N VAL B 337 -0.12 2.62 -7.58
CA VAL B 337 -0.67 1.71 -6.56
C VAL B 337 0.36 0.83 -5.81
N PHE B 338 1.47 0.43 -6.46
CA PHE B 338 2.43 -0.50 -5.84
C PHE B 338 3.17 0.11 -4.64
N PRO B 339 3.29 -0.65 -3.51
CA PRO B 339 4.04 -0.11 -2.36
C PRO B 339 5.49 0.08 -2.71
N HIS B 340 6.11 1.19 -2.31
CA HIS B 340 7.53 1.47 -2.59
C HIS B 340 7.82 1.67 -4.12
N PRO B 341 7.30 2.74 -4.76
CA PRO B 341 7.56 2.91 -6.21
C PRO B 341 9.00 3.33 -6.59
N PHE B 342 9.65 4.23 -5.82
CA PHE B 342 11.03 4.66 -6.11
C PHE B 342 12.00 3.49 -6.12
N THR B 343 11.86 2.55 -5.17
CA THR B 343 12.70 1.37 -5.08
C THR B 343 12.37 0.38 -6.19
N TYR B 344 11.07 0.14 -6.47
CA TYR B 344 10.67 -0.78 -7.53
C TYR B 344 11.21 -0.27 -8.88
N LEU B 345 11.05 1.04 -9.15
CA LEU B 345 11.56 1.68 -10.37
C LEU B 345 13.09 1.59 -10.40
N PHE B 346 13.76 1.96 -9.28
CA PHE B 346 15.20 1.89 -9.15
C PHE B 346 15.71 0.50 -9.50
N ASN B 347 15.17 -0.55 -8.83
CA ASN B 347 15.59 -1.92 -9.06
C ASN B 347 15.39 -2.35 -10.52
N ALA B 348 14.19 -2.11 -11.09
CA ALA B 348 13.92 -2.48 -12.47
C ALA B 348 14.90 -1.78 -13.45
N TYR B 349 15.05 -0.44 -13.33
CA TYR B 349 15.92 0.36 -14.19
C TYR B 349 17.38 -0.10 -14.10
N THR B 350 17.87 -0.39 -12.87
CA THR B 350 19.20 -0.92 -12.60
C THR B 350 19.39 -2.20 -13.40
N GLU B 351 18.36 -3.07 -13.39
CA GLU B 351 18.37 -4.33 -14.10
C GLU B 351 18.42 -4.08 -15.62
N ILE B 352 17.51 -3.25 -16.20
CA ILE B 352 17.52 -3.02 -17.66
C ILE B 352 18.85 -2.34 -18.12
N ILE B 353 19.49 -1.49 -17.25
CA ILE B 353 20.77 -0.82 -17.55
C ILE B 353 21.85 -1.89 -17.64
N VAL B 354 22.01 -2.65 -16.54
CA VAL B 354 22.99 -3.69 -16.37
C VAL B 354 22.84 -4.82 -17.40
N GLN B 355 21.60 -5.24 -17.73
CA GLN B 355 21.31 -6.32 -18.68
C GLN B 355 21.63 -5.97 -20.14
N SER B 356 21.57 -4.67 -20.49
CA SER B 356 21.84 -4.24 -21.86
C SER B 356 23.36 -4.36 -22.23
N ARG B 357 23.63 -4.65 -23.53
CA ARG B 357 24.97 -4.82 -24.12
C ARG B 357 25.42 -3.59 -24.91
N THR B 358 24.49 -2.96 -25.64
CA THR B 358 24.68 -1.74 -26.42
C THR B 358 23.69 -0.65 -25.94
N PHE B 359 23.97 0.63 -26.26
CA PHE B 359 23.08 1.77 -25.96
C PHE B 359 21.70 1.56 -26.61
N ASP B 360 21.67 0.96 -27.83
CA ASP B 360 20.46 0.64 -28.59
C ASP B 360 19.61 -0.41 -27.84
N GLU B 361 20.28 -1.41 -27.21
CA GLU B 361 19.64 -2.44 -26.41
C GLU B 361 18.91 -1.79 -25.23
N LEU B 362 19.56 -0.81 -24.56
CA LEU B 362 19.00 -0.05 -23.44
C LEU B 362 17.73 0.70 -23.85
N LEU B 363 17.77 1.43 -24.99
CA LEU B 363 16.62 2.17 -25.51
C LEU B 363 15.49 1.22 -25.92
N ASP B 364 15.84 0.01 -26.44
CA ASP B 364 14.87 -1.02 -26.83
C ASP B 364 14.12 -1.57 -25.62
N LYS B 365 14.80 -1.70 -24.49
CA LYS B 365 14.20 -2.21 -23.28
C LYS B 365 13.24 -1.18 -22.67
N ILE B 366 13.60 0.12 -22.70
CA ILE B 366 12.76 1.21 -22.19
C ILE B 366 11.48 1.31 -23.05
N ARG B 367 11.63 1.13 -24.37
CA ARG B 367 10.54 1.25 -25.32
C ARG B 367 9.66 -0.01 -25.38
N ASN B 368 10.26 -1.22 -25.24
CA ASN B 368 9.52 -2.48 -25.44
C ASN B 368 9.62 -3.55 -24.34
N ARG B 369 10.61 -3.51 -23.44
CA ARG B 369 10.74 -4.61 -22.47
C ARG B 369 10.36 -4.29 -21.00
N LEU B 370 10.33 -3.02 -20.58
CA LEU B 370 10.02 -2.64 -19.20
C LEU B 370 8.49 -2.74 -18.93
N THR B 371 8.08 -3.84 -18.24
CA THR B 371 6.70 -4.15 -17.88
C THR B 371 6.65 -4.83 -16.53
N ILE B 372 5.47 -4.84 -15.90
CA ILE B 372 5.15 -5.48 -14.62
C ILE B 372 5.36 -6.99 -14.75
N LYS B 373 5.06 -7.56 -15.95
CA LYS B 373 5.18 -8.99 -16.24
C LYS B 373 6.65 -9.43 -16.37
N ASN B 374 7.54 -8.52 -16.79
CA ASN B 374 8.95 -8.85 -17.02
C ASN B 374 9.89 -8.52 -15.87
N TYR B 375 9.67 -7.39 -15.20
CA TYR B 375 10.49 -6.96 -14.08
C TYR B 375 9.49 -6.84 -12.91
N PRO B 376 9.04 -7.99 -12.30
CA PRO B 376 7.99 -7.94 -11.27
C PRO B 376 8.45 -7.52 -9.88
N HIS B 377 7.46 -7.02 -9.06
CA HIS B 377 7.60 -6.58 -7.66
C HIS B 377 8.32 -7.66 -6.85
N SER B 378 7.81 -8.91 -6.93
CA SER B 378 8.26 -10.13 -6.24
C SER B 378 9.79 -10.37 -6.28
N ALA B 379 10.43 -10.05 -7.41
CA ALA B 379 11.86 -10.24 -7.68
C ALA B 379 12.78 -9.49 -6.75
N TYR B 380 12.26 -8.46 -6.04
CA TYR B 380 13.10 -7.66 -5.18
C TYR B 380 12.65 -7.70 -3.73
N ASN B 381 13.60 -7.35 -2.83
CA ASN B 381 13.37 -7.23 -1.39
C ASN B 381 13.39 -5.75 -1.07
N PHE B 382 12.27 -5.33 -0.51
CA PHE B 382 12.04 -3.95 -0.17
C PHE B 382 12.22 -3.83 1.31
N LYS B 383 13.51 -3.85 1.75
CA LYS B 383 13.81 -3.71 3.16
C LYS B 383 13.74 -2.24 3.44
N LYS B 384 12.79 -1.83 4.34
CA LYS B 384 12.51 -0.43 4.74
C LYS B 384 13.79 0.30 5.29
N ASN B 385 14.79 -0.47 5.73
CA ASN B 385 16.03 0.08 6.24
C ASN B 385 17.23 -0.27 5.34
N GLN B 386 17.01 -0.32 4.02
CA GLN B 386 18.08 -0.62 3.04
C GLN B 386 18.93 0.62 2.73
N ARG B 387 20.24 0.41 2.60
CA ARG B 387 21.16 1.50 2.33
C ARG B 387 22.12 1.12 1.19
N LEU B 388 22.29 2.01 0.22
CA LEU B 388 23.17 1.83 -0.93
C LEU B 388 24.65 2.06 -0.60
N PRO B 389 25.61 1.43 -1.34
CA PRO B 389 27.04 1.65 -1.06
C PRO B 389 27.46 3.11 -1.18
N LEU B 390 28.50 3.49 -0.42
CA LEU B 390 29.07 4.84 -0.38
C LEU B 390 29.79 5.24 -1.68
N LYS B 391 29.94 6.57 -1.92
CA LYS B 391 30.62 7.14 -3.11
C LYS B 391 32.15 7.07 -2.95
N LEU B 392 32.86 6.84 -4.08
CA LEU B 392 34.31 6.64 -4.10
C LEU B 392 35.14 7.94 -3.85
N THR B 393 35.27 8.81 -4.92
CA THR B 393 36.03 10.06 -5.00
C THR B 393 37.53 9.77 -4.74
N SER C 50 57.68 -21.73 4.37
CA SER C 50 57.25 -20.99 5.56
C SER C 50 55.81 -20.45 5.36
N ASP C 51 55.66 -19.11 5.24
CA ASP C 51 54.38 -18.45 5.01
C ASP C 51 54.07 -18.39 3.48
N PHE C 52 54.74 -19.26 2.68
CA PHE C 52 54.54 -19.31 1.23
C PHE C 52 53.66 -20.48 0.84
N SER C 53 52.83 -20.27 -0.20
CA SER C 53 51.92 -21.24 -0.80
C SER C 53 51.77 -20.94 -2.28
N ASN C 54 51.72 -21.97 -3.14
CA ASN C 54 51.57 -21.76 -4.58
C ASN C 54 50.08 -21.50 -4.91
N GLU C 55 49.29 -21.31 -3.85
CA GLU C 55 47.87 -20.99 -3.85
C GLU C 55 47.66 -19.47 -3.80
N ASP C 56 48.74 -18.70 -3.47
CA ASP C 56 48.68 -17.24 -3.34
C ASP C 56 48.17 -16.59 -4.63
N ILE C 57 48.57 -17.12 -5.81
CA ILE C 57 48.20 -16.64 -7.15
C ILE C 57 46.66 -16.54 -7.36
N TYR C 58 45.88 -17.28 -6.54
CA TYR C 58 44.42 -17.33 -6.58
C TYR C 58 43.78 -16.25 -5.70
N ASP C 59 44.54 -15.77 -4.69
CA ASP C 59 44.09 -14.71 -3.78
C ASP C 59 44.69 -13.36 -4.19
N ASN C 60 45.84 -13.38 -4.88
CA ASN C 60 46.68 -12.26 -5.35
C ASN C 60 46.09 -11.41 -6.47
N ILE C 61 44.90 -11.77 -7.00
CA ILE C 61 44.23 -11.07 -8.10
C ILE C 61 43.94 -9.62 -7.68
N ASP C 62 44.37 -8.64 -8.50
CA ASP C 62 44.13 -7.21 -8.24
C ASP C 62 42.70 -6.83 -8.67
N PRO C 63 41.83 -6.37 -7.72
CA PRO C 63 40.45 -6.03 -8.11
C PRO C 63 40.36 -4.81 -9.01
N ASP C 64 41.43 -4.02 -9.10
CA ASP C 64 41.48 -2.81 -9.93
C ASP C 64 41.59 -3.16 -11.42
N THR C 65 42.02 -4.39 -11.76
CA THR C 65 42.12 -4.87 -13.15
C THR C 65 40.78 -5.45 -13.65
N ILE C 66 39.79 -5.61 -12.75
CA ILE C 66 38.47 -6.13 -13.08
C ILE C 66 37.48 -4.97 -13.25
N SER C 67 36.98 -4.79 -14.49
CA SER C 67 36.01 -3.75 -14.83
C SER C 67 34.70 -4.00 -14.11
N PHE C 68 34.11 -2.97 -13.49
CA PHE C 68 32.88 -3.11 -12.73
C PHE C 68 31.65 -2.48 -13.43
N PRO C 69 30.51 -3.21 -13.54
CA PRO C 69 30.27 -4.59 -13.10
C PRO C 69 30.82 -5.63 -14.09
N PRO C 70 31.38 -6.76 -13.58
CA PRO C 70 31.92 -7.79 -14.48
C PRO C 70 30.83 -8.41 -15.35
N LYS C 71 31.22 -8.88 -16.55
CA LYS C 71 30.31 -9.46 -17.53
C LYS C 71 29.58 -10.71 -16.98
N ILE C 72 30.24 -11.47 -16.08
CA ILE C 72 29.75 -12.71 -15.46
C ILE C 72 28.72 -12.43 -14.34
N ALA C 73 28.75 -11.21 -13.76
CA ALA C 73 27.86 -10.78 -12.69
C ALA C 73 26.49 -10.42 -13.26
N THR C 74 25.69 -11.46 -13.54
CA THR C 74 24.33 -11.37 -14.12
C THR C 74 23.29 -11.08 -13.05
N THR C 75 22.10 -10.60 -13.46
CA THR C 75 21.04 -10.25 -12.52
C THR C 75 20.43 -11.47 -11.82
N ASP C 76 20.68 -12.71 -12.33
CA ASP C 76 20.11 -13.90 -11.69
C ASP C 76 20.94 -14.34 -10.47
N LEU C 77 22.17 -13.81 -10.36
CA LEU C 77 23.10 -14.10 -9.27
C LEU C 77 23.22 -12.92 -8.29
N PHE C 78 23.03 -11.70 -8.78
CA PHE C 78 23.21 -10.52 -7.97
C PHE C 78 21.97 -9.63 -7.91
N LEU C 79 21.84 -8.88 -6.81
CA LEU C 79 20.74 -7.96 -6.57
C LEU C 79 21.05 -6.53 -7.09
N PRO C 80 20.02 -5.66 -7.34
CA PRO C 80 20.31 -4.30 -7.85
C PRO C 80 21.34 -3.51 -7.02
N LEU C 81 21.39 -3.72 -5.68
CA LEU C 81 22.36 -3.06 -4.79
C LEU C 81 23.82 -3.35 -5.20
N PHE C 82 24.12 -4.60 -5.59
CA PHE C 82 25.46 -5.02 -5.98
C PHE C 82 25.99 -4.15 -7.12
N PHE C 83 25.13 -3.83 -8.09
CA PHE C 83 25.53 -3.04 -9.25
C PHE C 83 25.76 -1.57 -8.91
N HIS C 84 25.54 -1.19 -7.63
CA HIS C 84 25.75 0.18 -7.22
C HIS C 84 27.06 0.37 -6.40
N PHE C 85 27.96 -0.64 -6.40
CA PHE C 85 29.28 -0.46 -5.84
C PHE C 85 30.06 0.30 -6.91
N GLY C 86 31.02 1.11 -6.50
CA GLY C 86 31.79 1.93 -7.43
C GLY C 86 32.80 1.15 -8.24
N SER C 87 33.55 0.26 -7.57
CA SER C 87 34.61 -0.56 -8.15
C SER C 87 34.48 -1.99 -7.73
N THR C 88 35.31 -2.87 -8.33
CA THR C 88 35.36 -4.28 -7.91
C THR C 88 35.99 -4.29 -6.52
N ARG C 89 36.96 -3.35 -6.28
CA ARG C 89 37.64 -3.18 -5.01
C ARG C 89 36.63 -2.84 -3.89
N GLN C 90 35.71 -1.89 -4.14
CA GLN C 90 34.69 -1.47 -3.16
C GLN C 90 33.82 -2.67 -2.75
N PHE C 91 33.41 -3.51 -3.72
CA PHE C 91 32.62 -4.72 -3.45
C PHE C 91 33.44 -5.71 -2.62
N MET C 92 34.68 -5.95 -3.04
CA MET C 92 35.62 -6.86 -2.40
C MET C 92 35.84 -6.49 -0.96
N ASP C 93 36.03 -5.18 -0.71
CA ASP C 93 36.26 -4.63 0.62
C ASP C 93 35.03 -4.86 1.51
N LYS C 94 33.80 -4.65 0.98
CA LYS C 94 32.61 -4.93 1.78
C LYS C 94 32.47 -6.43 2.02
N LEU C 95 32.76 -7.27 0.98
CA LEU C 95 32.69 -8.72 1.13
C LEU C 95 33.56 -9.16 2.32
N HIS C 96 34.84 -8.70 2.36
CA HIS C 96 35.77 -9.00 3.46
C HIS C 96 35.20 -8.58 4.80
N GLU C 97 34.58 -7.37 4.88
CA GLU C 97 33.97 -6.83 6.09
C GLU C 97 32.92 -7.78 6.68
N VAL C 98 31.98 -8.25 5.85
CA VAL C 98 30.87 -9.15 6.21
C VAL C 98 31.40 -10.52 6.66
N ILE C 99 32.22 -11.16 5.79
CA ILE C 99 32.86 -12.46 5.95
C ILE C 99 33.63 -12.52 7.30
N SER C 100 34.29 -11.41 7.67
CA SER C 100 35.08 -11.29 8.90
C SER C 100 34.21 -11.01 10.17
N GLY C 101 32.92 -11.32 10.11
CA GLY C 101 32.02 -11.20 11.25
C GLY C 101 32.25 -12.32 12.25
N ASP C 102 31.72 -12.17 13.48
CA ASP C 102 31.88 -13.17 14.55
C ASP C 102 30.72 -14.20 14.53
N TYR C 103 30.61 -14.94 13.41
CA TYR C 103 29.60 -15.98 13.23
C TYR C 103 30.03 -17.28 13.91
N GLU C 104 29.06 -18.02 14.46
CA GLU C 104 29.25 -19.34 15.04
C GLU C 104 28.96 -20.34 13.91
N PRO C 105 29.55 -21.56 13.86
CA PRO C 105 29.34 -22.47 12.71
C PRO C 105 27.87 -22.75 12.30
N SER C 106 26.89 -22.58 13.21
CA SER C 106 25.46 -22.82 12.93
C SER C 106 24.84 -21.74 12.00
N GLN C 107 25.17 -20.45 12.29
CA GLN C 107 24.71 -19.19 11.69
C GLN C 107 25.01 -19.03 10.17
N ALA C 108 25.01 -20.14 9.40
CA ALA C 108 25.18 -20.10 7.95
C ALA C 108 23.99 -19.36 7.31
N GLU C 109 22.79 -19.47 7.92
CA GLU C 109 21.56 -18.80 7.49
C GLU C 109 21.68 -17.27 7.69
N LYS C 110 22.35 -16.84 8.79
CA LYS C 110 22.56 -15.42 9.08
C LYS C 110 23.52 -14.80 8.07
N LEU C 111 24.67 -15.45 7.85
CA LEU C 111 25.68 -14.97 6.91
C LEU C 111 25.07 -14.78 5.51
N VAL C 112 24.30 -15.78 5.02
CA VAL C 112 23.66 -15.74 3.70
C VAL C 112 22.75 -14.51 3.61
N GLN C 113 22.04 -14.18 4.71
CA GLN C 113 21.17 -13.00 4.79
C GLN C 113 21.99 -11.71 4.77
N ASP C 114 23.07 -11.64 5.57
CA ASP C 114 23.95 -10.48 5.65
C ASP C 114 24.69 -10.22 4.33
N LEU C 115 25.04 -11.28 3.55
CA LEU C 115 25.69 -11.16 2.24
C LEU C 115 24.71 -10.56 1.23
N CYS C 116 23.43 -10.92 1.40
CA CYS C 116 22.34 -10.45 0.58
C CYS C 116 22.04 -8.97 0.86
N ASP C 117 21.98 -8.58 2.14
CA ASP C 117 21.66 -7.20 2.54
C ASP C 117 22.84 -6.24 2.36
N GLU C 118 24.06 -6.65 2.71
CA GLU C 118 25.25 -5.78 2.67
C GLU C 118 26.01 -5.80 1.34
N THR C 119 26.07 -6.96 0.63
CA THR C 119 26.84 -7.00 -0.63
C THR C 119 25.97 -7.30 -1.87
N GLY C 120 24.67 -7.50 -1.69
CA GLY C 120 23.75 -7.72 -2.80
C GLY C 120 23.96 -9.01 -3.56
N ILE C 121 24.37 -10.07 -2.85
CA ILE C 121 24.57 -11.38 -3.44
C ILE C 121 23.30 -12.17 -3.14
N ARG C 122 22.61 -12.62 -4.20
CA ARG C 122 21.37 -13.37 -4.05
C ARG C 122 21.59 -14.58 -3.11
N LYS C 123 20.68 -14.75 -2.12
CA LYS C 123 20.69 -15.80 -1.09
C LYS C 123 20.99 -17.20 -1.66
N ASN C 124 20.31 -17.61 -2.76
CA ASN C 124 20.52 -18.92 -3.38
C ASN C 124 21.95 -19.09 -3.87
N PHE C 125 22.53 -18.03 -4.46
CA PHE C 125 23.90 -18.03 -4.97
C PHE C 125 24.90 -18.11 -3.79
N SER C 126 24.70 -17.34 -2.69
CA SER C 126 25.57 -17.40 -1.50
C SER C 126 25.59 -18.82 -0.92
N THR C 127 24.41 -19.48 -0.87
CA THR C 127 24.29 -20.86 -0.36
C THR C 127 25.06 -21.82 -1.24
N SER C 128 24.89 -21.71 -2.57
CA SER C 128 25.61 -22.53 -3.55
C SER C 128 27.14 -22.42 -3.36
N ILE C 129 27.64 -21.17 -3.25
CA ILE C 129 29.05 -20.86 -3.07
C ILE C 129 29.54 -21.56 -1.78
N LEU C 130 28.89 -21.31 -0.63
CA LEU C 130 29.27 -21.93 0.67
C LEU C 130 29.38 -23.44 0.59
N THR C 131 28.45 -24.09 -0.13
CA THR C 131 28.42 -25.54 -0.29
C THR C 131 29.66 -26.03 -1.03
N CYS C 132 30.01 -25.40 -2.16
CA CYS C 132 31.17 -25.81 -2.94
C CYS C 132 32.51 -25.38 -2.25
N LEU C 133 32.43 -24.51 -1.21
CA LEU C 133 33.61 -24.04 -0.48
C LEU C 133 33.84 -24.87 0.77
N SER C 134 32.90 -25.80 1.07
CA SER C 134 32.85 -26.72 2.23
C SER C 134 32.68 -25.94 3.55
N GLY C 135 32.20 -24.70 3.44
CA GLY C 135 31.97 -23.81 4.58
C GLY C 135 33.12 -22.88 4.89
N ASP C 136 34.31 -23.11 4.28
CA ASP C 136 35.53 -22.31 4.52
C ASP C 136 35.36 -20.86 4.03
N LEU C 137 35.07 -19.95 4.97
CA LEU C 137 34.87 -18.53 4.68
C LEU C 137 36.10 -17.85 4.13
N MET C 138 37.30 -18.37 4.45
CA MET C 138 38.59 -17.87 3.97
C MET C 138 38.66 -17.86 2.43
N VAL C 139 38.11 -18.90 1.77
CA VAL C 139 38.18 -19.04 0.32
C VAL C 139 36.99 -18.26 -0.39
N PHE C 140 36.09 -17.58 0.38
CA PHE C 140 34.98 -16.77 -0.18
C PHE C 140 35.48 -15.63 -1.11
N PRO C 141 36.44 -14.76 -0.71
CA PRO C 141 36.91 -13.70 -1.65
C PRO C 141 37.63 -14.27 -2.89
N ARG C 142 38.32 -15.44 -2.72
CA ARG C 142 39.03 -16.15 -3.80
C ARG C 142 38.05 -16.55 -4.91
N TYR C 143 36.82 -16.98 -4.52
CA TYR C 143 35.78 -17.36 -5.45
C TYR C 143 35.44 -16.22 -6.37
N PHE C 144 35.05 -15.08 -5.79
CA PHE C 144 34.61 -13.91 -6.55
C PHE C 144 35.72 -13.33 -7.41
N LEU C 145 36.96 -13.26 -6.90
CA LEU C 145 38.10 -12.74 -7.66
C LEU C 145 38.34 -13.54 -8.94
N ASN C 146 38.29 -14.87 -8.83
CA ASN C 146 38.50 -15.78 -9.96
C ASN C 146 37.28 -15.84 -10.87
N MET C 147 36.06 -15.77 -10.29
CA MET C 147 34.80 -15.78 -11.03
C MET C 147 34.73 -14.58 -11.98
N PHE C 148 35.16 -13.39 -11.49
CA PHE C 148 35.17 -12.12 -12.22
C PHE C 148 36.33 -11.99 -13.23
N LYS C 149 37.56 -12.38 -12.82
CA LYS C 149 38.75 -12.28 -13.65
C LYS C 149 38.63 -13.20 -14.88
N ASP C 150 38.31 -14.48 -14.66
CA ASP C 150 38.21 -15.52 -15.70
C ASP C 150 36.83 -15.55 -16.40
N ASN C 151 35.85 -14.77 -15.88
CA ASN C 151 34.48 -14.62 -16.39
C ASN C 151 33.75 -15.98 -16.55
N VAL C 152 33.85 -16.82 -15.50
CA VAL C 152 33.30 -18.17 -15.43
C VAL C 152 32.66 -18.40 -14.05
N ASN C 153 31.43 -18.93 -14.04
CA ASN C 153 30.75 -19.26 -12.80
C ASN C 153 30.25 -20.70 -12.81
N PRO C 154 30.78 -21.56 -11.92
CA PRO C 154 31.81 -21.30 -10.90
C PRO C 154 33.23 -21.42 -11.49
N PRO C 155 34.30 -20.88 -10.81
CA PRO C 155 35.67 -21.05 -11.34
C PRO C 155 36.03 -22.54 -11.36
N PRO C 156 36.45 -23.11 -12.52
CA PRO C 156 36.63 -24.56 -12.59
C PRO C 156 37.84 -25.11 -11.84
N ASN C 157 39.05 -24.66 -12.17
CA ASN C 157 40.26 -25.18 -11.54
C ASN C 157 40.86 -24.15 -10.56
N VAL C 158 40.25 -24.07 -9.36
CA VAL C 158 40.72 -23.23 -8.26
C VAL C 158 40.73 -24.09 -6.97
N PRO C 159 41.89 -24.21 -6.27
CA PRO C 159 41.92 -24.99 -5.02
C PRO C 159 40.93 -24.42 -4.00
N GLY C 160 40.10 -25.28 -3.42
CA GLY C 160 39.11 -24.86 -2.44
C GLY C 160 37.71 -24.68 -3.01
N ILE C 161 37.62 -24.52 -4.35
CA ILE C 161 36.36 -24.38 -5.08
C ILE C 161 36.08 -25.75 -5.71
N TRP C 162 35.22 -26.54 -5.03
CA TRP C 162 34.84 -27.90 -5.42
C TRP C 162 33.76 -27.90 -6.51
N THR C 163 34.16 -28.19 -7.76
CA THR C 163 33.20 -28.27 -8.89
C THR C 163 32.34 -29.52 -8.77
N HIS C 164 31.33 -29.65 -9.65
CA HIS C 164 30.47 -30.83 -9.68
C HIS C 164 31.29 -32.07 -10.06
N ASP C 165 32.18 -31.91 -11.07
CA ASP C 165 33.05 -32.96 -11.61
C ASP C 165 34.08 -33.43 -10.57
N ASP C 166 34.47 -32.54 -9.62
CA ASP C 166 35.37 -32.82 -8.51
C ASP C 166 34.72 -33.79 -7.53
N ASP C 167 33.40 -33.61 -7.31
CA ASP C 167 32.62 -34.45 -6.43
C ASP C 167 32.42 -35.83 -7.07
N GLU C 168 32.26 -35.88 -8.43
CA GLU C 168 32.11 -37.11 -9.21
C GLU C 168 33.40 -37.93 -9.15
N SER C 169 34.55 -37.24 -9.06
CA SER C 169 35.86 -37.85 -8.93
C SER C 169 36.06 -38.39 -7.51
N LEU C 170 35.52 -37.69 -6.49
CA LEU C 170 35.61 -38.08 -5.09
C LEU C 170 34.71 -39.28 -4.80
N LYS C 171 33.52 -39.33 -5.46
CA LYS C 171 32.53 -40.41 -5.36
C LYS C 171 33.11 -41.72 -5.86
N SER C 172 33.87 -41.66 -6.98
CA SER C 172 34.54 -42.83 -7.55
C SER C 172 35.79 -43.17 -6.75
N ASN C 173 36.01 -44.45 -6.47
CA ASN C 173 37.17 -44.96 -5.72
C ASN C 173 38.45 -45.01 -6.60
N ASP C 174 38.34 -44.54 -7.87
CA ASP C 174 39.42 -44.48 -8.88
C ASP C 174 40.59 -43.64 -8.35
N GLN C 175 41.73 -44.30 -8.07
CA GLN C 175 42.93 -43.69 -7.48
C GLN C 175 43.65 -42.73 -8.45
N GLU C 176 43.31 -42.76 -9.75
CA GLU C 176 43.85 -41.84 -10.75
C GLU C 176 43.14 -40.48 -10.62
N GLN C 177 41.77 -40.51 -10.52
CA GLN C 177 40.92 -39.33 -10.32
C GLN C 177 41.20 -38.68 -8.97
N ILE C 178 41.45 -39.54 -7.94
CA ILE C 178 41.73 -39.14 -6.56
C ILE C 178 43.13 -38.47 -6.48
N ARG C 179 44.12 -38.93 -7.31
CA ARG C 179 45.45 -38.29 -7.32
C ARG C 179 45.33 -36.86 -7.88
N LYS C 180 44.53 -36.69 -8.96
CA LYS C 180 44.30 -35.39 -9.59
C LYS C 180 43.57 -34.42 -8.64
N LEU C 181 42.60 -34.95 -7.85
CA LEU C 181 41.81 -34.20 -6.87
C LEU C 181 42.67 -33.66 -5.74
N VAL C 182 43.47 -34.55 -5.13
CA VAL C 182 44.33 -34.22 -4.00
C VAL C 182 45.47 -33.26 -4.44
N LYS C 183 45.87 -33.32 -5.73
CA LYS C 183 46.89 -32.43 -6.28
C LYS C 183 46.28 -31.03 -6.46
N LYS C 184 44.92 -30.93 -6.50
CA LYS C 184 44.20 -29.65 -6.63
C LYS C 184 43.87 -29.01 -5.27
N HIS C 185 43.19 -29.75 -4.38
CA HIS C 185 42.73 -29.21 -3.10
C HIS C 185 43.61 -29.60 -1.89
N GLY C 186 44.34 -30.70 -1.97
CA GLY C 186 45.19 -31.17 -0.86
C GLY C 186 44.46 -32.17 0.01
N THR C 187 45.19 -32.93 0.85
CA THR C 187 44.58 -33.92 1.75
C THR C 187 43.64 -33.24 2.76
N GLY C 188 43.99 -32.03 3.19
CA GLY C 188 43.19 -31.24 4.13
C GLY C 188 41.75 -31.06 3.67
N ARG C 189 41.58 -30.52 2.46
CA ARG C 189 40.28 -30.28 1.84
C ARG C 189 39.61 -31.59 1.43
N MET C 190 40.41 -32.64 1.20
CA MET C 190 39.95 -33.97 0.81
C MET C 190 39.23 -34.62 1.97
N GLU C 191 39.84 -34.59 3.17
CA GLU C 191 39.28 -35.16 4.39
C GLU C 191 38.10 -34.33 4.87
N MET C 192 38.09 -33.02 4.56
CA MET C 192 37.00 -32.12 4.92
C MET C 192 35.77 -32.43 4.06
N ARG C 193 35.95 -32.64 2.73
CA ARG C 193 34.90 -32.98 1.76
C ARG C 193 34.31 -34.36 2.05
N LYS C 194 35.15 -35.31 2.51
CA LYS C 194 34.71 -36.66 2.90
C LYS C 194 33.78 -36.54 4.13
N ARG C 195 34.28 -35.86 5.21
CA ARG C 195 33.60 -35.56 6.47
C ARG C 195 32.25 -34.85 6.21
N PHE C 196 32.25 -33.92 5.24
CA PHE C 196 31.12 -33.11 4.79
C PHE C 196 30.02 -33.93 4.12
N PHE C 197 30.38 -34.99 3.35
CA PHE C 197 29.40 -35.77 2.60
C PHE C 197 28.94 -37.08 3.28
N GLU C 198 29.74 -37.69 4.18
CA GLU C 198 29.28 -38.87 4.91
C GLU C 198 28.27 -38.40 6.00
N LYS C 199 28.27 -37.06 6.25
CA LYS C 199 27.38 -36.33 7.15
C LYS C 199 26.18 -35.72 6.39
N ASP C 200 26.28 -35.58 5.03
CA ASP C 200 25.25 -35.02 4.13
C ASP C 200 23.99 -35.90 4.12
N PHE D 1 17.28 -23.33 4.98
CA PHE D 1 16.90 -23.86 6.29
C PHE D 1 17.31 -25.33 6.44
N THR D 2 17.21 -26.11 5.33
CA THR D 2 17.55 -27.55 5.29
C THR D 2 19.05 -27.73 5.04
N VAL D 3 19.58 -27.10 3.96
CA VAL D 3 20.98 -27.15 3.59
C VAL D 3 21.83 -26.24 4.49
N LEU D 4 21.23 -25.12 5.01
CA LEU D 4 21.88 -24.08 5.86
C LEU D 4 22.07 -24.49 7.34
N ARG D 5 21.14 -25.28 7.92
CA ARG D 5 21.25 -25.79 9.30
C ARG D 5 22.33 -26.88 9.31
N LYS D 6 22.29 -27.77 8.30
CA LYS D 6 23.22 -28.88 8.07
C LYS D 6 24.66 -28.39 7.77
N LEU D 7 24.80 -27.22 7.09
CA LEU D 7 26.10 -26.63 6.74
C LEU D 7 26.75 -25.92 7.92
N ASN D 8 28.05 -26.18 8.12
CA ASN D 8 28.83 -25.57 9.17
C ASN D 8 29.86 -24.60 8.57
N LEU D 9 29.99 -23.42 9.22
CA LEU D 9 30.91 -22.34 8.81
C LEU D 9 32.30 -22.53 9.39
N VAL D 10 33.31 -22.03 8.68
CA VAL D 10 34.72 -22.05 9.09
C VAL D 10 35.15 -20.56 9.25
N PRO D 11 34.78 -19.89 10.38
CA PRO D 11 35.09 -18.46 10.55
C PRO D 11 36.59 -18.11 10.54
N ILE D 12 36.89 -16.78 10.49
CA ILE D 12 38.25 -16.23 10.39
C ILE D 12 38.87 -15.94 11.79
N LYS D 13 40.20 -16.21 11.93
CA LYS D 13 41.02 -16.01 13.13
C LYS D 13 41.15 -14.52 13.49
N SER E 50 -55.56 20.19 -12.55
CA SER E 50 -56.06 19.64 -11.29
C SER E 50 -54.94 18.93 -10.53
N ASP E 51 -55.29 18.30 -9.37
CA ASP E 51 -54.36 17.50 -8.58
C ASP E 51 -53.91 16.29 -9.44
N PHE E 52 -54.77 15.91 -10.42
CA PHE E 52 -54.61 14.85 -11.42
C PHE E 52 -53.82 15.35 -12.61
N SER E 53 -53.06 14.44 -13.25
CA SER E 53 -52.23 14.68 -14.43
C SER E 53 -52.14 13.40 -15.24
N ASN E 54 -52.14 13.50 -16.59
CA ASN E 54 -52.04 12.31 -17.45
C ASN E 54 -50.59 11.85 -17.53
N GLU E 55 -49.75 12.45 -16.68
CA GLU E 55 -48.33 12.20 -16.50
C GLU E 55 -48.10 11.19 -15.39
N ASP E 56 -49.15 10.91 -14.56
CA ASP E 56 -49.07 9.99 -13.42
C ASP E 56 -48.61 8.60 -13.86
N ILE E 57 -49.06 8.12 -15.04
CA ILE E 57 -48.72 6.81 -15.63
C ILE E 57 -47.20 6.57 -15.76
N TYR E 58 -46.39 7.66 -15.76
CA TYR E 58 -44.94 7.64 -15.89
C TYR E 58 -44.26 7.52 -14.53
N ASP E 59 -44.96 7.94 -13.46
CA ASP E 59 -44.46 7.86 -12.08
C ASP E 59 -45.04 6.64 -11.35
N ASN E 60 -46.23 6.17 -11.80
CA ASN E 60 -47.06 5.08 -11.27
C ASN E 60 -46.50 3.67 -11.43
N ILE E 61 -45.34 3.52 -12.12
CA ILE E 61 -44.69 2.22 -12.37
C ILE E 61 -44.35 1.52 -11.03
N ASP E 62 -44.79 0.25 -10.87
CA ASP E 62 -44.52 -0.55 -9.68
C ASP E 62 -43.10 -1.15 -9.74
N PRO E 63 -42.20 -0.79 -8.80
CA PRO E 63 -40.82 -1.32 -8.86
C PRO E 63 -40.72 -2.82 -8.60
N ASP E 64 -41.79 -3.42 -8.05
CA ASP E 64 -41.85 -4.84 -7.74
C ASP E 64 -42.03 -5.69 -9.02
N THR E 65 -42.48 -5.08 -10.14
CA THR E 65 -42.64 -5.75 -11.44
C THR E 65 -41.31 -5.72 -12.24
N ILE E 66 -40.31 -4.97 -11.76
CA ILE E 66 -39.01 -4.86 -12.42
C ILE E 66 -38.01 -5.81 -11.72
N SER E 67 -37.55 -6.85 -12.45
CA SER E 67 -36.58 -7.82 -11.97
C SER E 67 -35.25 -7.12 -11.71
N PHE E 68 -34.61 -7.41 -10.55
CA PHE E 68 -33.34 -6.76 -10.18
C PHE E 68 -32.14 -7.72 -10.26
N PRO E 69 -31.01 -7.31 -10.90
CA PRO E 69 -30.79 -6.04 -11.61
C PRO E 69 -31.39 -6.04 -13.03
N PRO E 70 -31.96 -4.89 -13.48
CA PRO E 70 -32.54 -4.83 -14.83
C PRO E 70 -31.49 -5.05 -15.92
N LYS E 71 -31.91 -5.61 -17.07
CA LYS E 71 -31.01 -5.94 -18.19
C LYS E 71 -30.32 -4.68 -18.74
N ILE E 72 -30.98 -3.50 -18.66
CA ILE E 72 -30.51 -2.20 -19.16
C ILE E 72 -29.45 -1.57 -18.23
N ALA E 73 -29.44 -1.98 -16.94
CA ALA E 73 -28.50 -1.50 -15.93
C ALA E 73 -27.14 -2.17 -16.09
N THR E 74 -26.38 -1.69 -17.07
CA THR E 74 -25.04 -2.21 -17.46
C THR E 74 -23.95 -1.65 -16.56
N THR E 75 -22.78 -2.29 -16.54
CA THR E 75 -21.68 -1.85 -15.69
C THR E 75 -21.06 -0.51 -16.13
N ASP E 76 -21.35 -0.03 -17.36
CA ASP E 76 -20.78 1.24 -17.82
C ASP E 76 -21.59 2.43 -17.27
N LEU E 77 -22.80 2.16 -16.76
CA LEU E 77 -23.70 3.17 -16.18
C LEU E 77 -23.75 3.08 -14.66
N PHE E 78 -23.56 1.87 -14.11
CA PHE E 78 -23.68 1.67 -12.67
C PHE E 78 -22.44 1.08 -12.04
N LEU E 79 -22.26 1.38 -10.75
CA LEU E 79 -21.13 0.90 -9.96
C LEU E 79 -21.43 -0.44 -9.25
N PRO E 80 -20.40 -1.24 -8.84
CA PRO E 80 -20.69 -2.54 -8.20
C PRO E 80 -21.65 -2.45 -7.00
N LEU E 81 -21.66 -1.33 -6.25
CA LEU E 81 -22.58 -1.14 -5.11
C LEU E 81 -24.06 -1.21 -5.54
N PHE E 82 -24.41 -0.63 -6.70
CA PHE E 82 -25.76 -0.63 -7.24
C PHE E 82 -26.31 -2.04 -7.36
N PHE E 83 -25.49 -2.98 -7.82
CA PHE E 83 -25.90 -4.36 -8.02
C PHE E 83 -26.08 -5.12 -6.69
N HIS E 84 -25.82 -4.44 -5.56
CA HIS E 84 -25.99 -5.08 -4.27
C HIS E 84 -27.26 -4.60 -3.53
N PHE E 85 -28.17 -3.90 -4.24
CA PHE E 85 -29.49 -3.60 -3.69
C PHE E 85 -30.28 -4.90 -3.83
N GLY E 86 -31.21 -5.15 -2.91
CA GLY E 86 -32.00 -6.37 -2.93
C GLY E 86 -33.05 -6.42 -4.03
N SER E 87 -33.78 -5.31 -4.19
CA SER E 87 -34.88 -5.16 -5.13
C SER E 87 -34.77 -3.87 -5.89
N THR E 88 -35.63 -3.70 -6.91
CA THR E 88 -35.69 -2.43 -7.65
C THR E 88 -36.28 -1.40 -6.69
N ARG E 89 -37.22 -1.86 -5.80
CA ARG E 89 -37.86 -1.04 -4.78
C ARG E 89 -36.81 -0.47 -3.81
N GLN E 90 -35.86 -1.31 -3.32
CA GLN E 90 -34.81 -0.90 -2.39
C GLN E 90 -33.94 0.21 -3.01
N PHE E 91 -33.58 0.08 -4.31
CA PHE E 91 -32.81 1.08 -5.02
C PHE E 91 -33.62 2.38 -5.14
N MET E 92 -34.89 2.25 -5.57
CA MET E 92 -35.81 3.36 -5.75
C MET E 92 -35.98 4.15 -4.48
N ASP E 93 -36.14 3.44 -3.35
CA ASP E 93 -36.32 4.04 -2.05
C ASP E 93 -35.06 4.82 -1.65
N LYS E 94 -33.85 4.27 -1.91
CA LYS E 94 -32.63 5.04 -1.59
C LYS E 94 -32.51 6.24 -2.52
N LEU E 95 -32.84 6.07 -3.84
CA LEU E 95 -32.80 7.17 -4.79
C LEU E 95 -33.64 8.34 -4.28
N HIS E 96 -34.90 8.08 -3.85
CA HIS E 96 -35.80 9.08 -3.30
C HIS E 96 -35.20 9.76 -2.08
N GLU E 97 -34.55 8.99 -1.18
CA GLU E 97 -33.90 9.49 0.03
C GLU E 97 -32.85 10.57 -0.30
N VAL E 98 -31.94 10.27 -1.25
CA VAL E 98 -30.84 11.15 -1.69
C VAL E 98 -31.38 12.41 -2.37
N ILE E 99 -32.23 12.23 -3.39
CA ILE E 99 -32.89 13.24 -4.21
C ILE E 99 -33.61 14.27 -3.31
N SER E 100 -34.23 13.79 -2.23
CA SER E 100 -34.99 14.62 -1.28
C SER E 100 -34.09 15.36 -0.25
N GLY E 101 -32.79 15.48 -0.55
CA GLY E 101 -31.86 16.23 0.29
C GLY E 101 -32.07 17.73 0.17
N ASP E 102 -31.49 18.50 1.11
CA ASP E 102 -31.61 19.97 1.13
C ASP E 102 -30.48 20.66 0.31
N TYR E 103 -30.44 20.35 -0.99
CA TYR E 103 -29.47 20.92 -1.93
C TYR E 103 -29.93 22.30 -2.39
N GLU E 104 -28.96 23.20 -2.61
CA GLU E 104 -29.17 24.53 -3.17
C GLU E 104 -28.97 24.39 -4.69
N PRO E 105 -29.59 25.21 -5.57
CA PRO E 105 -29.42 24.98 -7.03
C PRO E 105 -27.99 24.84 -7.59
N SER E 106 -26.97 25.39 -6.90
CA SER E 106 -25.56 25.32 -7.32
C SER E 106 -24.96 23.92 -7.18
N GLN E 107 -25.27 23.27 -6.04
CA GLN E 107 -24.79 21.99 -5.50
C GLN E 107 -24.98 20.73 -6.40
N ALA E 108 -25.16 20.91 -7.71
CA ALA E 108 -25.32 19.82 -8.68
C ALA E 108 -24.13 18.83 -8.60
N GLU E 109 -22.92 19.36 -8.31
CA GLU E 109 -21.70 18.57 -8.16
C GLU E 109 -21.77 17.67 -6.91
N LYS E 110 -22.41 18.17 -5.82
CA LYS E 110 -22.57 17.41 -4.57
C LYS E 110 -23.53 16.26 -4.78
N LEU E 111 -24.71 16.57 -5.38
CA LEU E 111 -25.76 15.60 -5.68
C LEU E 111 -25.20 14.42 -6.50
N VAL E 112 -24.44 14.72 -7.56
CA VAL E 112 -23.84 13.72 -8.45
C VAL E 112 -22.91 12.82 -7.66
N GLN E 113 -22.17 13.38 -6.67
CA GLN E 113 -21.26 12.63 -5.79
C GLN E 113 -22.06 11.73 -4.84
N ASP E 114 -23.12 12.27 -4.20
CA ASP E 114 -23.98 11.54 -3.28
C ASP E 114 -24.74 10.41 -3.98
N LEU E 115 -25.15 10.57 -5.27
CA LEU E 115 -25.83 9.54 -6.06
C LEU E 115 -24.86 8.40 -6.36
N CYS E 116 -23.59 8.75 -6.54
CA CYS E 116 -22.51 7.82 -6.80
C CYS E 116 -22.19 7.00 -5.53
N ASP E 117 -22.07 7.66 -4.38
CA ASP E 117 -21.72 7.01 -3.13
C ASP E 117 -22.86 6.23 -2.50
N GLU E 118 -24.10 6.79 -2.52
CA GLU E 118 -25.26 6.17 -1.88
C GLU E 118 -26.07 5.24 -2.77
N THR E 119 -26.18 5.50 -4.09
CA THR E 119 -27.00 4.63 -4.95
C THR E 119 -26.17 3.92 -6.05
N GLY E 120 -24.87 4.18 -6.13
CA GLY E 120 -23.98 3.52 -7.08
C GLY E 120 -24.25 3.85 -8.53
N ILE E 121 -24.66 5.09 -8.80
CA ILE E 121 -24.90 5.57 -10.16
C ILE E 121 -23.62 6.30 -10.57
N ARG E 122 -22.98 5.84 -11.64
CA ARG E 122 -21.75 6.44 -12.13
C ARG E 122 -21.96 7.96 -12.37
N LYS E 123 -21.03 8.79 -11.84
CA LYS E 123 -21.02 10.27 -11.89
C LYS E 123 -21.36 10.81 -13.30
N ASN E 124 -20.72 10.26 -14.37
CA ASN E 124 -20.98 10.71 -15.74
C ASN E 124 -22.42 10.48 -16.16
N PHE E 125 -23.01 9.33 -15.77
CA PHE E 125 -24.39 8.99 -16.07
C PHE E 125 -25.36 9.91 -15.29
N SER E 126 -25.11 10.20 -13.98
CA SER E 126 -25.93 11.11 -13.17
C SER E 126 -25.95 12.50 -13.82
N THR E 127 -24.78 12.97 -14.32
CA THR E 127 -24.67 14.28 -14.96
C THR E 127 -25.47 14.33 -16.26
N SER E 128 -25.35 13.28 -17.09
CA SER E 128 -26.10 13.14 -18.34
C SER E 128 -27.62 13.22 -18.06
N ILE E 129 -28.10 12.45 -17.05
CA ILE E 129 -29.51 12.39 -16.64
C ILE E 129 -29.97 13.81 -16.26
N LEU E 130 -29.27 14.48 -15.32
CA LEU E 130 -29.60 15.85 -14.87
C LEU E 130 -29.75 16.83 -16.02
N THR E 131 -28.85 16.74 -17.03
CA THR E 131 -28.85 17.61 -18.20
C THR E 131 -30.13 17.42 -19.01
N CYS E 132 -30.50 16.16 -19.32
CA CYS E 132 -31.72 15.91 -20.10
C CYS E 132 -33.01 16.13 -19.26
N LEU E 133 -32.88 16.30 -17.93
CA LEU E 133 -34.01 16.53 -17.03
C LEU E 133 -34.21 18.00 -16.78
N SER E 134 -33.27 18.85 -17.28
CA SER E 134 -33.20 20.31 -17.15
C SER E 134 -32.97 20.74 -15.69
N GLY E 135 -32.49 19.79 -14.88
CA GLY E 135 -32.21 20.01 -13.46
C GLY E 135 -33.33 19.61 -12.53
N ASP E 136 -34.54 19.34 -13.07
CA ASP E 136 -35.74 18.98 -12.28
C ASP E 136 -35.57 17.64 -11.57
N LEU E 137 -35.23 17.70 -10.27
CA LEU E 137 -34.99 16.51 -9.44
C LEU E 137 -36.23 15.66 -9.29
N MET E 138 -37.42 16.26 -9.38
CA MET E 138 -38.72 15.58 -9.29
C MET E 138 -38.86 14.48 -10.37
N VAL E 139 -38.31 14.69 -11.59
CA VAL E 139 -38.42 13.75 -12.71
C VAL E 139 -37.36 12.60 -12.59
N PHE E 140 -36.36 12.75 -11.68
CA PHE E 140 -35.27 11.76 -11.48
C PHE E 140 -35.79 10.32 -11.26
N PRO E 141 -36.74 10.03 -10.34
CA PRO E 141 -37.20 8.64 -10.19
C PRO E 141 -37.97 8.14 -11.41
N ARG E 142 -38.66 9.06 -12.12
CA ARG E 142 -39.43 8.77 -13.35
C ARG E 142 -38.50 8.22 -14.45
N TYR E 143 -37.29 8.78 -14.55
CA TYR E 143 -36.27 8.35 -15.50
C TYR E 143 -35.96 6.89 -15.30
N PHE E 144 -35.53 6.52 -14.09
CA PHE E 144 -35.10 5.17 -13.77
C PHE E 144 -36.22 4.17 -13.91
N LEU E 145 -37.44 4.51 -13.45
CA LEU E 145 -38.59 3.59 -13.55
C LEU E 145 -38.90 3.22 -15.00
N ASN E 146 -38.88 4.21 -15.89
CA ASN E 146 -39.15 4.02 -17.31
C ASN E 146 -37.96 3.38 -18.04
N MET E 147 -36.72 3.73 -17.64
CA MET E 147 -35.48 3.18 -18.19
C MET E 147 -35.43 1.67 -17.97
N PHE E 148 -35.82 1.22 -16.75
CA PHE E 148 -35.82 -0.18 -16.32
C PHE E 148 -37.01 -0.99 -16.88
N LYS E 149 -38.24 -0.41 -16.84
CA LYS E 149 -39.46 -1.06 -17.29
C LYS E 149 -39.41 -1.32 -18.80
N ASP E 150 -39.11 -0.27 -19.61
CA ASP E 150 -39.08 -0.32 -21.07
C ASP E 150 -37.73 -0.82 -21.62
N ASN E 151 -36.72 -0.97 -20.73
CA ASN E 151 -35.37 -1.49 -21.02
C ASN E 151 -34.72 -0.71 -22.18
N VAL E 152 -34.72 0.64 -22.04
CA VAL E 152 -34.18 1.60 -23.00
C VAL E 152 -33.50 2.76 -22.25
N ASN E 153 -32.28 3.11 -22.66
CA ASN E 153 -31.56 4.22 -22.08
C ASN E 153 -31.10 5.20 -23.17
N PRO E 154 -31.61 6.45 -23.16
CA PRO E 154 -32.60 7.03 -22.25
C PRO E 154 -34.04 6.70 -22.67
N PRO E 155 -35.07 6.84 -21.76
CA PRO E 155 -36.46 6.59 -22.19
C PRO E 155 -36.85 7.61 -23.28
N PRO E 156 -37.32 7.16 -24.47
CA PRO E 156 -37.54 8.11 -25.57
C PRO E 156 -38.73 9.06 -25.40
N ASN E 157 -39.93 8.51 -25.25
CA ASN E 157 -41.13 9.33 -25.14
C ASN E 157 -41.68 9.36 -23.70
N VAL E 158 -41.01 10.17 -22.85
CA VAL E 158 -41.43 10.41 -21.47
C VAL E 158 -41.40 11.94 -21.22
N PRO E 159 -42.54 12.57 -20.78
CA PRO E 159 -42.53 14.01 -20.48
C PRO E 159 -41.49 14.34 -19.41
N GLY E 160 -40.66 15.33 -19.67
CA GLY E 160 -39.61 15.74 -18.74
C GLY E 160 -38.24 15.18 -19.06
N ILE E 161 -38.19 14.09 -19.87
CA ILE E 161 -36.96 13.44 -20.31
C ILE E 161 -36.73 13.91 -21.75
N TRP E 162 -35.86 14.93 -21.89
CA TRP E 162 -35.52 15.57 -23.17
C TRP E 162 -34.49 14.75 -23.95
N THR E 163 -34.93 14.05 -25.00
CA THR E 163 -34.04 13.26 -25.86
C THR E 163 -33.18 14.18 -26.72
N HIS E 164 -32.21 13.61 -27.46
CA HIS E 164 -31.37 14.37 -28.36
C HIS E 164 -32.21 14.96 -29.50
N ASP E 165 -33.14 14.15 -30.04
CA ASP E 165 -34.05 14.47 -31.14
C ASP E 165 -35.04 15.58 -30.74
N ASP E 166 -35.37 15.66 -29.41
CA ASP E 166 -36.23 16.70 -28.83
C ASP E 166 -35.55 18.05 -28.90
N ASP E 167 -34.23 18.06 -28.67
CA ASP E 167 -33.41 19.26 -28.71
C ASP E 167 -33.26 19.73 -30.17
N GLU E 168 -33.15 18.78 -31.12
CA GLU E 168 -33.05 19.04 -32.57
C GLU E 168 -34.36 19.68 -33.08
N SER E 169 -35.50 19.29 -32.47
CA SER E 169 -36.81 19.82 -32.79
C SER E 169 -36.96 21.22 -32.20
N LEU E 170 -36.37 21.47 -31.01
CA LEU E 170 -36.39 22.77 -30.34
C LEU E 170 -35.50 23.79 -31.06
N LYS E 171 -34.35 23.31 -31.59
CA LYS E 171 -33.36 24.11 -32.34
C LYS E 171 -33.99 24.65 -33.62
N SER E 172 -34.79 23.80 -34.31
CA SER E 172 -35.50 24.19 -35.53
C SER E 172 -36.73 25.03 -35.17
N ASN E 173 -36.95 26.13 -35.93
CA ASN E 173 -38.09 27.03 -35.73
C ASN E 173 -39.40 26.45 -36.31
N ASP E 174 -39.35 25.19 -36.84
CA ASP E 174 -40.45 24.44 -37.43
C ASP E 174 -41.59 24.28 -36.41
N GLN E 175 -42.74 24.97 -36.66
CA GLN E 175 -43.89 25.00 -35.78
C GLN E 175 -44.64 23.66 -35.71
N GLU E 176 -44.35 22.72 -36.64
CA GLU E 176 -44.93 21.37 -36.62
C GLU E 176 -44.19 20.52 -35.56
N GLN E 177 -42.83 20.57 -35.57
CA GLN E 177 -41.95 19.89 -34.61
C GLN E 177 -42.16 20.45 -33.21
N ILE E 178 -42.37 21.79 -33.11
CA ILE E 178 -42.60 22.53 -31.88
C ILE E 178 -43.99 22.15 -31.28
N ARG E 179 -45.01 21.88 -32.13
CA ARG E 179 -46.33 21.46 -31.63
C ARG E 179 -46.22 20.07 -30.98
N LYS E 180 -45.45 19.16 -31.61
CA LYS E 180 -45.24 17.80 -31.12
C LYS E 180 -44.44 17.83 -29.78
N LEU E 181 -43.46 18.74 -29.67
CA LEU E 181 -42.63 18.92 -28.47
C LEU E 181 -43.44 19.40 -27.28
N VAL E 182 -44.23 20.47 -27.48
CA VAL E 182 -45.03 21.09 -26.44
C VAL E 182 -46.16 20.13 -26.01
N LYS E 183 -46.62 19.24 -26.91
CA LYS E 183 -47.65 18.25 -26.58
C LYS E 183 -47.03 17.16 -25.70
N LYS E 184 -45.68 17.03 -25.71
CA LYS E 184 -44.95 16.05 -24.90
C LYS E 184 -44.56 16.60 -23.52
N HIS E 185 -43.84 17.74 -23.47
CA HIS E 185 -43.33 18.30 -22.22
C HIS E 185 -44.16 19.47 -21.64
N GLY E 186 -44.91 20.18 -22.48
CA GLY E 186 -45.71 21.32 -22.04
C GLY E 186 -44.95 22.62 -22.22
N THR E 187 -45.66 23.78 -22.17
CA THR E 187 -45.03 25.11 -22.32
C THR E 187 -44.04 25.36 -21.17
N GLY E 188 -44.35 24.85 -19.98
CA GLY E 188 -43.51 24.99 -18.79
C GLY E 188 -42.10 24.50 -19.03
N ARG E 189 -41.96 23.24 -19.45
CA ARG E 189 -40.68 22.60 -19.74
C ARG E 189 -40.05 23.17 -21.00
N MET E 190 -40.87 23.73 -21.91
CA MET E 190 -40.44 24.33 -23.16
C MET E 190 -39.68 25.62 -22.87
N GLU E 191 -40.24 26.49 -22.01
CA GLU E 191 -39.64 27.77 -21.63
C GLU E 191 -38.43 27.53 -20.72
N MET E 192 -38.43 26.40 -19.98
CA MET E 192 -37.32 26.03 -19.11
C MET E 192 -36.10 25.60 -19.95
N ARG E 193 -36.34 24.76 -20.98
CA ARG E 193 -35.32 24.27 -21.93
C ARG E 193 -34.74 25.44 -22.73
N LYS E 194 -35.59 26.40 -23.14
CA LYS E 194 -35.15 27.60 -23.87
C LYS E 194 -34.19 28.40 -22.98
N ARG E 195 -34.63 28.74 -21.74
CA ARG E 195 -33.90 29.46 -20.68
C ARG E 195 -32.54 28.78 -20.40
N PHE E 196 -32.56 27.43 -20.36
CA PHE E 196 -31.45 26.53 -20.12
C PHE E 196 -30.38 26.57 -21.22
N PHE E 197 -30.79 26.74 -22.50
CA PHE E 197 -29.85 26.69 -23.63
C PHE E 197 -29.40 28.06 -24.16
N GLU E 198 -30.17 29.16 -23.97
CA GLU E 198 -29.71 30.49 -24.38
C GLU E 198 -28.66 30.98 -23.38
N LYS E 199 -28.71 30.43 -22.14
CA LYS E 199 -27.78 30.62 -21.04
C LYS E 199 -27.02 29.29 -20.85
N ASP E 200 -26.22 28.93 -21.90
CA ASP E 200 -25.42 27.70 -22.02
C ASP E 200 -24.21 27.96 -22.92
N PHE F 1 -17.61 19.27 -13.83
CA PHE F 1 -17.12 20.56 -13.38
C PHE F 1 -17.54 21.69 -14.35
N THR F 2 -17.58 21.39 -15.68
CA THR F 2 -17.96 22.33 -16.74
C THR F 2 -19.48 22.36 -16.90
N VAL F 3 -20.09 21.17 -17.10
CA VAL F 3 -21.53 21.01 -17.27
C VAL F 3 -22.25 21.12 -15.92
N LEU F 4 -21.59 20.72 -14.79
CA LEU F 4 -22.11 20.71 -13.41
C LEU F 4 -22.16 22.10 -12.72
N ARG F 5 -21.19 23.00 -13.01
CA ARG F 5 -21.18 24.35 -12.46
C ARG F 5 -22.28 25.16 -13.16
N LYS F 6 -22.37 25.00 -14.51
CA LYS F 6 -23.35 25.63 -15.39
C LYS F 6 -24.79 25.17 -15.08
N LEU F 7 -24.97 23.89 -14.66
CA LEU F 7 -26.28 23.31 -14.36
C LEU F 7 -26.80 23.72 -12.98
N ASN F 8 -28.08 24.13 -12.96
CA ASN F 8 -28.76 24.50 -11.74
C ASN F 8 -29.86 23.49 -11.43
N LEU F 9 -29.96 23.12 -10.14
CA LEU F 9 -30.91 22.13 -9.62
C LEU F 9 -32.28 22.75 -9.32
N VAL F 10 -33.33 21.92 -9.38
CA VAL F 10 -34.71 22.25 -9.06
C VAL F 10 -35.09 21.36 -7.84
N PRO F 11 -34.66 21.76 -6.61
CA PRO F 11 -34.93 20.92 -5.41
C PRO F 11 -36.40 20.64 -5.11
N ILE F 12 -36.63 19.71 -4.15
CA ILE F 12 -37.96 19.19 -3.77
C ILE F 12 -38.57 20.00 -2.57
N LYS F 13 -39.90 20.24 -2.62
CA LYS F 13 -40.74 20.93 -1.63
C LYS F 13 -40.81 20.12 -0.32
#